data_3WT2
#
_entry.id   3WT2
#
_cell.length_a   96.31
_cell.length_b   96.31
_cell.length_c   69.49
_cell.angle_alpha   90.00
_cell.angle_beta   90.00
_cell.angle_gamma   120.00
#
_symmetry.space_group_name_H-M   'P 31'
#
_entity_poly.entity_id   1
_entity_poly.type   'polypeptide(L)'
_entity_poly.pdbx_seq_one_letter_code
;GPLGSPLIGEIGPETYSDYMSAGIPLAYIFAETAEERKELSDKLKPIAEAQRGVINFGTIDAKAFGAHAGNLNLKTDKFP
AFAIQEVAKNQKFPFDQEKEITFEAIKAFVDDFVAGKIEPSIKSEPIPEKQEGPVTVVVAKNYNEIVLDDTKDVLIEFYA
PWCGHCKALAPKYEELGALYAKSEFKDRVVIAKVDATANDVPDEIQGFPTIKLYPAGAKGQPVTYSGSRTVEDLIKFIAE
NGKYKAA
;
_entity_poly.pdbx_strand_id   A,B,C
#
# COMPACT_ATOMS: atom_id res chain seq x y z
N SER A 5 -24.13 -0.80 -37.31
CA SER A 5 -23.89 -0.92 -35.81
C SER A 5 -23.41 0.35 -35.09
N PRO A 6 -23.60 0.43 -33.77
CA PRO A 6 -23.10 1.60 -32.99
C PRO A 6 -21.58 1.77 -32.98
N LEU A 7 -21.11 2.99 -33.17
CA LEU A 7 -19.68 3.32 -33.15
C LEU A 7 -18.86 2.51 -32.13
N ILE A 8 -19.22 2.63 -30.86
CA ILE A 8 -18.64 1.82 -29.81
C ILE A 8 -19.53 0.60 -29.55
N GLY A 9 -19.15 -0.52 -30.12
CA GLY A 9 -19.99 -1.71 -29.99
C GLY A 9 -19.83 -2.45 -28.68
N GLU A 10 -20.05 -3.75 -28.74
CA GLU A 10 -20.21 -4.59 -27.56
C GLU A 10 -19.36 -5.88 -27.74
N ILE A 11 -18.21 -5.91 -27.08
CA ILE A 11 -17.23 -6.97 -27.25
C ILE A 11 -17.67 -8.24 -26.52
N GLY A 12 -17.98 -9.27 -27.29
CA GLY A 12 -18.47 -10.51 -26.74
C GLY A 12 -18.40 -11.59 -27.78
N PRO A 13 -18.82 -12.80 -27.41
CA PRO A 13 -18.65 -14.02 -28.20
C PRO A 13 -18.96 -13.80 -29.67
N GLU A 14 -20.08 -13.12 -29.92
CA GLU A 14 -20.57 -12.98 -31.26
C GLU A 14 -19.72 -12.01 -32.07
N THR A 15 -19.22 -10.97 -31.40
CA THR A 15 -18.51 -9.89 -32.06
C THR A 15 -16.99 -10.06 -32.10
N TYR A 16 -16.43 -10.78 -31.14
CA TYR A 16 -14.95 -10.90 -31.03
C TYR A 16 -14.19 -11.24 -32.29
N SER A 17 -14.53 -12.35 -32.93
CA SER A 17 -13.79 -12.77 -34.11
C SER A 17 -13.84 -11.71 -35.19
N ASP A 18 -14.97 -11.03 -35.31
CA ASP A 18 -15.05 -9.91 -36.22
C ASP A 18 -14.06 -8.82 -35.81
N TYR A 19 -13.99 -8.59 -34.52
CA TYR A 19 -13.06 -7.62 -34.00
C TYR A 19 -11.62 -8.03 -34.31
N MET A 20 -11.31 -9.30 -34.08
CA MET A 20 -9.98 -9.75 -34.26
C MET A 20 -9.63 -9.66 -35.70
N SER A 21 -10.56 -10.13 -36.53
CA SER A 21 -10.26 -10.32 -37.93
C SER A 21 -10.25 -9.03 -38.73
N ALA A 22 -10.73 -7.94 -38.12
CA ALA A 22 -10.76 -6.62 -38.79
C ALA A 22 -9.37 -6.08 -39.07
N GLY A 23 -8.38 -6.57 -38.34
CA GLY A 23 -6.99 -6.34 -38.65
C GLY A 23 -6.45 -5.04 -38.13
N ILE A 24 -7.28 -4.29 -37.40
CA ILE A 24 -6.85 -3.10 -36.64
C ILE A 24 -6.99 -3.36 -35.12
N PRO A 25 -6.36 -2.49 -34.32
CA PRO A 25 -6.38 -2.63 -32.89
C PRO A 25 -7.73 -2.46 -32.34
N LEU A 26 -7.90 -2.98 -31.14
CA LEU A 26 -9.14 -2.99 -30.43
C LEU A 26 -8.91 -2.39 -29.07
N ALA A 27 -9.81 -1.52 -28.68
CA ALA A 27 -9.71 -0.92 -27.39
C ALA A 27 -10.90 -1.36 -26.53
N TYR A 28 -10.55 -1.96 -25.40
CA TYR A 28 -11.53 -2.50 -24.50
C TYR A 28 -11.79 -1.51 -23.41
N ILE A 29 -13.04 -1.40 -23.03
CA ILE A 29 -13.49 -0.56 -21.92
C ILE A 29 -14.17 -1.54 -20.97
N PHE A 30 -13.53 -1.84 -19.87
CA PHE A 30 -14.10 -2.81 -18.93
C PHE A 30 -14.96 -2.17 -17.81
N ALA A 31 -16.14 -2.74 -17.53
CA ALA A 31 -17.02 -2.25 -16.49
C ALA A 31 -18.10 -3.26 -16.06
N GLU A 32 -18.46 -3.23 -14.78
CA GLU A 32 -19.27 -4.30 -14.20
C GLU A 32 -20.79 -4.17 -14.39
N THR A 33 -21.28 -2.96 -14.60
CA THR A 33 -22.72 -2.71 -14.84
C THR A 33 -22.94 -1.99 -16.14
N ALA A 34 -24.08 -2.26 -16.76
CA ALA A 34 -24.49 -1.60 -18.01
C ALA A 34 -24.44 -0.08 -17.89
N GLU A 35 -24.67 0.40 -16.68
CA GLU A 35 -24.83 1.81 -16.46
C GLU A 35 -23.49 2.46 -16.64
N GLU A 36 -22.45 1.83 -16.10
CA GLU A 36 -21.11 2.39 -16.20
C GLU A 36 -20.47 2.23 -17.59
N ARG A 37 -20.84 1.15 -18.26
CA ARG A 37 -20.37 0.89 -19.59
C ARG A 37 -20.78 2.07 -20.46
N LYS A 38 -22.07 2.45 -20.37
CA LYS A 38 -22.62 3.57 -21.17
C LYS A 38 -21.92 4.90 -20.87
N GLU A 39 -21.81 5.24 -19.60
CA GLU A 39 -21.18 6.46 -19.19
C GLU A 39 -19.87 6.58 -19.87
N LEU A 40 -19.09 5.54 -19.72
CA LEU A 40 -17.77 5.56 -20.27
C LEU A 40 -17.81 5.60 -21.80
N SER A 41 -18.81 4.93 -22.39
CA SER A 41 -18.93 4.85 -23.85
C SER A 41 -19.03 6.24 -24.36
N ASP A 42 -20.02 6.95 -23.80
CA ASP A 42 -20.24 8.33 -24.14
C ASP A 42 -19.03 9.20 -23.77
N LYS A 43 -18.46 9.02 -22.59
CA LYS A 43 -17.26 9.74 -22.23
C LYS A 43 -16.14 9.65 -23.28
N LEU A 44 -16.03 8.50 -23.96
CA LEU A 44 -14.90 8.24 -24.85
C LEU A 44 -15.23 8.39 -26.33
N LYS A 45 -16.52 8.58 -26.61
CA LYS A 45 -17.01 8.61 -27.97
C LYS A 45 -16.21 9.49 -28.96
N PRO A 46 -15.91 10.73 -28.61
CA PRO A 46 -15.15 11.59 -29.52
C PRO A 46 -13.77 11.04 -29.90
N ILE A 47 -13.22 10.16 -29.08
CA ILE A 47 -11.91 9.60 -29.36
C ILE A 47 -12.09 8.45 -30.33
N ALA A 48 -13.15 7.69 -30.12
CA ALA A 48 -13.49 6.61 -31.02
C ALA A 48 -13.80 7.18 -32.38
N GLU A 49 -14.58 8.26 -32.38
CA GLU A 49 -14.90 9.04 -33.57
C GLU A 49 -13.63 9.35 -34.38
N ALA A 50 -12.66 9.95 -33.70
CA ALA A 50 -11.41 10.34 -34.33
C ALA A 50 -10.69 9.18 -34.97
N GLN A 51 -10.81 8.03 -34.33
CA GLN A 51 -9.99 6.90 -34.69
C GLN A 51 -10.72 5.91 -35.59
N ARG A 52 -11.73 6.38 -36.30
CA ARG A 52 -12.44 5.49 -37.20
C ARG A 52 -11.48 4.95 -38.24
N GLY A 53 -11.56 3.65 -38.43
CA GLY A 53 -10.72 3.00 -39.39
C GLY A 53 -9.37 2.67 -38.85
N VAL A 54 -8.95 3.31 -37.77
CA VAL A 54 -7.59 3.10 -37.27
C VAL A 54 -7.59 2.27 -35.97
N ILE A 55 -8.58 2.54 -35.11
CA ILE A 55 -8.83 1.77 -33.89
C ILE A 55 -10.31 1.54 -33.59
N ASN A 56 -10.66 0.28 -33.40
CA ASN A 56 -11.98 -0.06 -32.90
C ASN A 56 -12.01 0.05 -31.41
N PHE A 57 -13.11 0.60 -30.92
CA PHE A 57 -13.38 0.67 -29.51
C PHE A 57 -14.58 -0.22 -29.26
N GLY A 58 -14.59 -0.83 -28.08
CA GLY A 58 -15.76 -1.59 -27.67
C GLY A 58 -15.91 -1.71 -26.17
N THR A 59 -17.13 -2.02 -25.76
CA THR A 59 -17.47 -2.16 -24.36
C THR A 59 -17.41 -3.63 -24.01
N ILE A 60 -16.92 -3.96 -22.82
CA ILE A 60 -16.89 -5.38 -22.40
C ILE A 60 -17.45 -5.60 -20.98
N ASP A 61 -18.24 -6.65 -20.82
CA ASP A 61 -18.96 -6.93 -19.56
C ASP A 61 -18.05 -7.57 -18.52
N ALA A 62 -17.49 -6.77 -17.63
CA ALA A 62 -16.45 -7.24 -16.69
C ALA A 62 -16.97 -8.30 -15.68
N LYS A 63 -18.28 -8.28 -15.46
CA LYS A 63 -18.93 -9.31 -14.67
C LYS A 63 -18.80 -10.64 -15.44
N ALA A 64 -19.46 -10.75 -16.59
CA ALA A 64 -19.43 -11.96 -17.41
C ALA A 64 -18.05 -12.34 -18.01
N PHE A 65 -17.18 -11.36 -18.25
CA PHE A 65 -15.88 -11.61 -18.90
C PHE A 65 -14.65 -10.98 -18.24
N GLY A 66 -14.70 -10.71 -16.94
CA GLY A 66 -13.60 -10.03 -16.26
C GLY A 66 -12.29 -10.76 -16.50
N ALA A 67 -12.40 -12.07 -16.63
CA ALA A 67 -11.24 -12.93 -16.78
C ALA A 67 -10.41 -12.52 -17.99
N HIS A 68 -11.09 -12.04 -19.02
CA HIS A 68 -10.40 -11.59 -20.24
C HIS A 68 -9.47 -10.42 -20.01
N ALA A 69 -9.67 -9.69 -18.93
CA ALA A 69 -8.73 -8.63 -18.59
C ALA A 69 -7.27 -9.11 -18.58
N GLY A 70 -7.03 -10.24 -17.94
CA GLY A 70 -5.68 -10.74 -17.82
C GLY A 70 -5.04 -10.97 -19.17
N ASN A 71 -5.87 -11.22 -20.18
CA ASN A 71 -5.33 -11.41 -21.53
C ASN A 71 -4.77 -10.11 -22.06
N LEU A 72 -5.19 -8.99 -21.50
CA LEU A 72 -4.69 -7.71 -21.96
C LEU A 72 -3.58 -7.17 -21.08
N ASN A 73 -3.07 -8.00 -20.18
CA ASN A 73 -2.20 -7.57 -19.07
C ASN A 73 -2.77 -6.44 -18.22
N LEU A 74 -4.05 -6.58 -17.91
CA LEU A 74 -4.71 -5.81 -16.87
C LEU A 74 -4.88 -6.74 -15.67
N LYS A 75 -4.86 -6.18 -14.47
CA LYS A 75 -5.13 -6.95 -13.27
C LYS A 75 -6.57 -7.46 -13.33
N THR A 76 -6.76 -8.69 -12.91
CA THR A 76 -8.09 -9.22 -12.69
C THR A 76 -8.66 -8.41 -11.51
N ASP A 77 -9.98 -8.32 -11.40
CA ASP A 77 -10.63 -7.73 -10.21
C ASP A 77 -10.18 -6.29 -9.85
N LYS A 78 -9.98 -5.44 -10.86
CA LYS A 78 -9.84 -3.97 -10.69
C LYS A 78 -10.46 -3.23 -11.91
N PHE A 79 -11.78 -2.95 -11.80
CA PHE A 79 -12.57 -2.32 -12.85
C PHE A 79 -13.07 -0.98 -12.34
N PRO A 80 -13.51 -0.10 -13.24
CA PRO A 80 -13.40 -0.20 -14.68
C PRO A 80 -11.97 -0.02 -15.14
N ALA A 81 -11.70 -0.57 -16.32
CA ALA A 81 -10.36 -0.52 -16.92
C ALA A 81 -10.39 -0.38 -18.44
N PHE A 82 -9.21 -0.08 -18.96
CA PHE A 82 -9.04 0.22 -20.36
C PHE A 82 -7.73 -0.33 -20.88
N ALA A 83 -7.74 -0.87 -22.10
CA ALA A 83 -6.54 -1.43 -22.70
C ALA A 83 -6.75 -1.58 -24.18
N ILE A 84 -5.62 -1.54 -24.91
CA ILE A 84 -5.64 -1.61 -26.34
C ILE A 84 -4.88 -2.80 -26.83
N GLN A 85 -5.52 -3.56 -27.71
CA GLN A 85 -4.90 -4.77 -28.21
C GLN A 85 -4.44 -4.57 -29.64
N GLU A 86 -3.15 -4.80 -29.89
CA GLU A 86 -2.64 -4.84 -31.25
C GLU A 86 -2.70 -6.29 -31.69
N VAL A 87 -3.68 -6.59 -32.55
CA VAL A 87 -4.02 -7.97 -32.92
C VAL A 87 -2.93 -8.65 -33.72
N ALA A 88 -2.60 -8.05 -34.86
CA ALA A 88 -1.50 -8.48 -35.74
C ALA A 88 -0.24 -8.92 -34.95
N LYS A 89 0.38 -7.97 -34.26
CA LYS A 89 1.63 -8.23 -33.58
C LYS A 89 1.40 -8.96 -32.26
N ASN A 90 0.15 -9.16 -31.89
CA ASN A 90 -0.18 -9.69 -30.57
C ASN A 90 0.54 -8.95 -29.44
N GLN A 91 0.25 -7.65 -29.34
CA GLN A 91 0.78 -6.80 -28.29
C GLN A 91 -0.33 -6.20 -27.45
N LYS A 92 -0.07 -6.05 -26.14
CA LYS A 92 -1.06 -5.51 -25.21
C LYS A 92 -0.63 -4.16 -24.62
N PHE A 93 -1.59 -3.26 -24.48
CA PHE A 93 -1.38 -1.91 -24.00
C PHE A 93 -2.46 -1.56 -23.00
N PRO A 94 -2.20 -1.92 -21.72
CA PRO A 94 -3.07 -1.53 -20.64
C PRO A 94 -2.81 -0.09 -20.19
N PHE A 95 -3.85 0.45 -19.56
CA PHE A 95 -3.86 1.78 -19.06
C PHE A 95 -4.01 1.63 -17.59
N ASP A 96 -3.02 2.15 -16.88
CA ASP A 96 -2.89 2.03 -15.43
C ASP A 96 -4.24 1.97 -14.74
N GLN A 97 -4.47 0.94 -13.94
CA GLN A 97 -5.81 0.77 -13.38
C GLN A 97 -6.12 1.56 -12.13
N GLU A 98 -5.09 2.18 -11.57
CA GLU A 98 -5.29 3.03 -10.42
C GLU A 98 -5.71 4.39 -10.92
N LYS A 99 -5.27 4.77 -12.12
CA LYS A 99 -5.72 6.03 -12.74
C LYS A 99 -7.20 6.02 -13.13
N GLU A 100 -7.84 7.17 -13.04
CA GLU A 100 -9.23 7.30 -13.38
C GLU A 100 -9.35 7.37 -14.89
N ILE A 101 -10.48 6.87 -15.37
CA ILE A 101 -10.76 6.83 -16.79
C ILE A 101 -11.56 8.08 -17.24
N THR A 102 -10.86 9.01 -17.87
CA THR A 102 -11.43 10.28 -18.25
C THR A 102 -11.09 10.63 -19.67
N PHE A 103 -11.98 11.38 -20.32
CA PHE A 103 -11.76 11.74 -21.70
C PHE A 103 -10.32 12.19 -21.89
N GLU A 104 -9.86 13.11 -21.05
CA GLU A 104 -8.59 13.75 -21.30
C GLU A 104 -7.43 12.70 -21.18
N ALA A 105 -7.54 11.81 -20.20
CA ALA A 105 -6.50 10.79 -19.92
C ALA A 105 -6.34 9.76 -21.03
N ILE A 106 -7.49 9.17 -21.39
CA ILE A 106 -7.57 8.18 -22.45
C ILE A 106 -7.08 8.79 -23.74
N LYS A 107 -7.57 9.97 -24.08
CA LYS A 107 -7.17 10.55 -25.35
C LYS A 107 -5.65 10.67 -25.43
N ALA A 108 -5.02 11.05 -24.33
CA ALA A 108 -3.58 11.19 -24.38
C ALA A 108 -2.93 9.85 -24.63
N PHE A 109 -3.40 8.84 -23.88
CA PHE A 109 -2.92 7.45 -23.97
C PHE A 109 -2.96 6.98 -25.43
N VAL A 110 -4.15 7.15 -26.02
CA VAL A 110 -4.46 6.67 -27.36
C VAL A 110 -3.57 7.32 -28.36
N ASP A 111 -3.50 8.65 -28.28
CA ASP A 111 -2.61 9.40 -29.15
C ASP A 111 -1.21 8.86 -29.04
N ASP A 112 -0.80 8.56 -27.81
CA ASP A 112 0.53 8.02 -27.61
C ASP A 112 0.69 6.61 -28.20
N PHE A 113 -0.38 5.83 -28.16
CA PHE A 113 -0.36 4.52 -28.79
C PHE A 113 -0.21 4.69 -30.26
N VAL A 114 -1.14 5.41 -30.86
CA VAL A 114 -1.10 5.66 -32.29
C VAL A 114 0.28 6.22 -32.69
N ALA A 115 0.85 7.06 -31.83
CA ALA A 115 2.21 7.60 -32.03
C ALA A 115 3.31 6.55 -31.86
N GLY A 116 2.96 5.36 -31.41
CA GLY A 116 3.94 4.29 -31.25
C GLY A 116 4.86 4.73 -30.16
N LYS A 117 4.30 5.44 -29.19
CA LYS A 117 5.10 5.97 -28.07
C LYS A 117 5.09 5.02 -26.85
N ILE A 118 4.24 4.00 -26.87
CA ILE A 118 4.07 3.12 -25.70
C ILE A 118 4.69 1.78 -25.91
N GLU A 119 5.34 1.27 -24.88
CA GLU A 119 6.01 0.00 -25.02
C GLU A 119 5.04 -1.10 -24.69
N PRO A 120 5.19 -2.22 -25.40
CA PRO A 120 4.20 -3.26 -25.25
C PRO A 120 4.35 -3.90 -23.88
N SER A 121 3.20 -4.23 -23.30
CA SER A 121 3.12 -4.64 -21.91
C SER A 121 3.70 -6.02 -21.73
N ILE A 122 3.68 -6.43 -20.46
CA ILE A 122 4.13 -7.74 -20.06
C ILE A 122 3.43 -8.14 -18.77
N LYS A 123 3.03 -9.41 -18.66
CA LYS A 123 2.53 -9.92 -17.39
C LYS A 123 3.64 -9.85 -16.33
N SER A 124 3.40 -9.06 -15.31
CA SER A 124 4.28 -8.97 -14.16
C SER A 124 3.51 -8.40 -12.98
N GLU A 125 3.75 -8.95 -11.81
CA GLU A 125 3.39 -8.27 -10.59
C GLU A 125 4.38 -7.09 -10.55
N PRO A 126 4.09 -6.06 -9.75
CA PRO A 126 5.05 -4.98 -9.76
C PRO A 126 6.31 -5.40 -9.02
N ILE A 127 7.44 -4.78 -9.40
CA ILE A 127 8.69 -5.04 -8.71
C ILE A 127 8.51 -4.62 -7.27
N PRO A 128 8.87 -5.50 -6.32
CA PRO A 128 8.66 -5.11 -4.93
C PRO A 128 9.57 -3.94 -4.61
N GLU A 129 9.03 -2.91 -3.96
CA GLU A 129 9.87 -1.80 -3.51
C GLU A 129 10.96 -2.24 -2.47
N LYS A 130 10.71 -3.31 -1.70
CA LYS A 130 11.73 -3.85 -0.78
C LYS A 130 11.82 -5.37 -0.90
N GLN A 131 13.05 -5.89 -0.82
CA GLN A 131 13.30 -7.33 -0.96
C GLN A 131 13.61 -7.92 0.41
N GLU A 132 12.67 -7.78 1.34
CA GLU A 132 12.87 -8.28 2.71
C GLU A 132 12.10 -9.57 2.97
N GLY A 133 12.72 -10.42 3.80
CA GLY A 133 12.46 -11.86 3.82
C GLY A 133 13.65 -12.48 3.12
N PRO A 134 14.04 -13.70 3.52
CA PRO A 134 15.28 -14.35 3.04
C PRO A 134 15.24 -14.88 1.59
N VAL A 135 14.02 -15.21 1.12
CA VAL A 135 13.79 -15.60 -0.25
C VAL A 135 13.51 -14.36 -1.09
N THR A 136 14.26 -14.23 -2.19
CA THR A 136 14.09 -13.10 -3.09
C THR A 136 12.89 -13.35 -3.98
N VAL A 137 12.03 -12.35 -4.06
CA VAL A 137 10.85 -12.50 -4.89
C VAL A 137 11.10 -12.05 -6.31
N VAL A 138 10.97 -12.95 -7.25
CA VAL A 138 11.22 -12.57 -8.61
C VAL A 138 9.87 -12.36 -9.26
N VAL A 139 9.78 -11.29 -10.02
CA VAL A 139 8.65 -11.02 -10.85
C VAL A 139 9.22 -10.79 -12.22
N ALA A 140 8.38 -10.85 -13.24
CA ALA A 140 8.83 -10.74 -14.64
C ALA A 140 9.80 -9.58 -14.87
N LYS A 141 9.47 -8.43 -14.30
CA LYS A 141 10.25 -7.21 -14.48
C LYS A 141 11.57 -7.14 -13.72
N ASN A 142 11.96 -8.19 -13.02
CA ASN A 142 13.32 -8.28 -12.52
C ASN A 142 13.92 -9.67 -12.67
N TYR A 143 13.33 -10.48 -13.53
CA TYR A 143 13.82 -11.84 -13.75
C TYR A 143 15.22 -11.75 -14.30
N ASN A 144 15.39 -10.91 -15.31
CA ASN A 144 16.70 -10.78 -15.92
C ASN A 144 17.74 -10.35 -14.92
N GLU A 145 17.41 -9.29 -14.20
CA GLU A 145 18.36 -8.69 -13.31
C GLU A 145 18.82 -9.67 -12.27
N ILE A 146 17.88 -10.44 -11.74
CA ILE A 146 18.19 -11.30 -10.63
C ILE A 146 18.56 -12.70 -11.04
N VAL A 147 17.80 -13.28 -11.95
CA VAL A 147 18.04 -14.65 -12.33
C VAL A 147 19.25 -14.75 -13.24
N LEU A 148 19.38 -13.80 -14.17
CA LEU A 148 20.45 -13.87 -15.17
C LEU A 148 21.73 -13.10 -14.78
N ASP A 149 21.71 -12.55 -13.56
CA ASP A 149 22.91 -12.00 -12.91
C ASP A 149 24.07 -13.01 -12.94
N ASP A 150 25.02 -12.77 -13.86
CA ASP A 150 26.08 -13.73 -14.27
C ASP A 150 27.06 -14.08 -13.16
N THR A 151 27.09 -13.23 -12.14
CA THR A 151 27.99 -13.36 -11.01
C THR A 151 27.39 -14.11 -9.84
N LYS A 152 26.09 -14.40 -9.88
CA LYS A 152 25.43 -15.18 -8.81
C LYS A 152 24.97 -16.59 -9.28
N ASP A 153 25.24 -17.60 -8.46
CA ASP A 153 24.54 -18.88 -8.54
C ASP A 153 23.08 -18.67 -8.10
N VAL A 154 22.12 -18.74 -9.04
CA VAL A 154 20.71 -18.48 -8.67
C VAL A 154 19.86 -19.73 -8.66
N LEU A 155 19.29 -20.01 -7.50
CA LEU A 155 18.23 -20.98 -7.36
C LEU A 155 16.88 -20.32 -7.40
N ILE A 156 16.06 -20.76 -8.32
CA ILE A 156 14.81 -20.12 -8.54
C ILE A 156 13.74 -21.22 -8.42
N GLU A 157 12.69 -20.97 -7.64
CA GLU A 157 11.50 -21.86 -7.62
C GLU A 157 10.36 -21.24 -8.43
N PHE A 158 9.87 -21.98 -9.42
CA PHE A 158 8.71 -21.56 -10.19
C PHE A 158 7.42 -22.18 -9.57
N TYR A 159 6.56 -21.34 -9.00
CA TYR A 159 5.40 -21.85 -8.33
C TYR A 159 4.08 -21.29 -8.82
N ALA A 160 3.02 -21.94 -8.35
CA ALA A 160 1.66 -21.55 -8.60
C ALA A 160 1.02 -21.40 -7.24
N PRO A 161 0.20 -20.35 -7.02
CA PRO A 161 -0.36 -20.23 -5.66
C PRO A 161 -1.25 -21.42 -5.33
N TRP A 162 -2.09 -21.79 -6.30
CA TRP A 162 -3.01 -22.90 -6.14
C TRP A 162 -2.41 -24.31 -6.12
N CYS A 163 -1.11 -24.48 -6.25
CA CYS A 163 -0.54 -25.84 -6.23
C CYS A 163 -0.26 -26.33 -4.80
N GLY A 164 -0.58 -27.59 -4.54
CA GLY A 164 -0.47 -28.16 -3.19
C GLY A 164 0.94 -28.46 -2.71
N HIS A 165 1.73 -29.15 -3.53
CA HIS A 165 3.10 -29.53 -3.16
C HIS A 165 3.97 -28.30 -3.01
N CYS A 166 3.66 -27.25 -3.78
CA CYS A 166 4.34 -25.95 -3.70
C CYS A 166 4.16 -25.31 -2.34
N LYS A 167 2.93 -25.31 -1.82
CA LYS A 167 2.62 -24.80 -0.48
C LYS A 167 3.26 -25.69 0.61
N ALA A 168 3.25 -27.00 0.39
CA ALA A 168 3.95 -27.97 1.22
C ALA A 168 5.45 -27.65 1.30
N LEU A 169 6.04 -27.38 0.13
CA LEU A 169 7.46 -27.05 0.02
C LEU A 169 7.82 -25.69 0.62
N ALA A 170 6.85 -24.81 0.75
CA ALA A 170 7.10 -23.39 1.09
C ALA A 170 7.99 -23.16 2.29
N PRO A 171 7.67 -23.80 3.43
CA PRO A 171 8.41 -23.48 4.67
C PRO A 171 9.88 -23.90 4.56
N LYS A 172 10.14 -25.05 3.93
CA LYS A 172 11.49 -25.53 3.76
C LYS A 172 12.27 -24.69 2.76
N TYR A 173 11.61 -24.13 1.75
CA TYR A 173 12.30 -23.24 0.80
C TYR A 173 12.68 -21.98 1.58
N GLU A 174 11.79 -21.55 2.47
CA GLU A 174 11.99 -20.36 3.31
C GLU A 174 13.23 -20.57 4.20
N GLU A 175 13.26 -21.76 4.78
CA GLU A 175 14.37 -22.24 5.60
C GLU A 175 15.69 -22.24 4.83
N LEU A 176 15.68 -22.77 3.60
CA LEU A 176 16.87 -22.80 2.74
C LEU A 176 17.41 -21.42 2.39
N GLY A 177 16.50 -20.45 2.29
CA GLY A 177 16.89 -19.07 2.02
C GLY A 177 17.49 -18.41 3.24
N ALA A 178 16.82 -18.55 4.38
CA ALA A 178 17.33 -18.00 5.64
C ALA A 178 18.76 -18.51 5.97
N LEU A 179 18.99 -19.78 5.64
CA LEU A 179 20.28 -20.45 5.85
C LEU A 179 21.42 -19.84 5.03
N TYR A 180 21.15 -19.58 3.75
CA TYR A 180 22.15 -18.97 2.88
C TYR A 180 22.33 -17.46 3.09
N ALA A 181 21.26 -16.79 3.51
CA ALA A 181 21.33 -15.38 3.87
C ALA A 181 22.24 -15.17 5.09
N LYS A 182 22.29 -16.18 5.97
CA LYS A 182 23.12 -16.15 7.19
C LYS A 182 24.50 -16.81 7.04
N SER A 183 24.82 -17.33 5.87
CA SER A 183 26.10 -18.04 5.62
C SER A 183 27.21 -17.13 5.04
N GLU A 184 28.38 -17.73 4.87
CA GLU A 184 29.54 -17.05 4.27
C GLU A 184 29.36 -16.84 2.76
N PHE A 185 28.30 -17.42 2.20
CA PHE A 185 28.05 -17.40 0.75
C PHE A 185 27.05 -16.32 0.37
N LYS A 186 26.54 -15.64 1.38
CA LYS A 186 25.48 -14.65 1.24
C LYS A 186 25.62 -13.76 0.02
N ASP A 187 26.84 -13.40 -0.32
CA ASP A 187 27.09 -12.44 -1.42
C ASP A 187 26.93 -13.02 -2.86
N ARG A 188 27.02 -14.33 -3.01
CA ARG A 188 27.13 -14.98 -4.34
C ARG A 188 25.99 -15.97 -4.71
N VAL A 189 25.23 -16.44 -3.71
CA VAL A 189 24.10 -17.36 -3.96
C VAL A 189 22.75 -16.68 -3.71
N VAL A 190 21.79 -17.04 -4.55
CA VAL A 190 20.46 -16.52 -4.44
C VAL A 190 19.47 -17.66 -4.38
N ILE A 191 18.57 -17.54 -3.42
CA ILE A 191 17.38 -18.40 -3.28
C ILE A 191 16.10 -17.63 -3.57
N ALA A 192 15.50 -17.87 -4.71
CA ALA A 192 14.42 -17.04 -5.17
C ALA A 192 13.25 -17.87 -5.66
N LYS A 193 12.09 -17.23 -5.65
CA LYS A 193 10.90 -17.84 -6.19
C LYS A 193 10.18 -16.85 -7.09
N VAL A 194 9.32 -17.38 -7.94
CA VAL A 194 8.43 -16.55 -8.74
C VAL A 194 7.11 -17.26 -8.96
N ASP A 195 6.03 -16.49 -8.80
CA ASP A 195 4.72 -16.96 -9.14
C ASP A 195 4.63 -16.98 -10.65
N ALA A 196 4.72 -18.16 -11.22
CA ALA A 196 4.73 -18.29 -12.68
C ALA A 196 3.37 -18.07 -13.33
N THR A 197 2.32 -18.07 -12.51
CA THR A 197 0.99 -17.81 -13.00
C THR A 197 0.75 -16.33 -13.13
N ALA A 198 1.43 -15.53 -12.35
CA ALA A 198 1.23 -14.11 -12.39
C ALA A 198 2.28 -13.40 -13.24
N ASN A 199 3.32 -14.08 -13.64
CA ASN A 199 4.40 -13.41 -14.31
C ASN A 199 4.74 -14.15 -15.59
N ASP A 200 5.16 -13.43 -16.63
CA ASP A 200 5.68 -14.06 -17.84
C ASP A 200 7.14 -14.35 -17.57
N VAL A 201 7.56 -15.59 -17.69
CA VAL A 201 8.96 -15.90 -17.60
C VAL A 201 9.43 -16.67 -18.82
N PRO A 202 10.74 -16.62 -19.06
CA PRO A 202 11.45 -17.38 -20.09
C PRO A 202 11.24 -18.88 -20.07
N ASP A 203 11.46 -19.48 -18.92
CA ASP A 203 11.51 -20.92 -18.82
C ASP A 203 10.19 -21.48 -19.21
N GLU A 204 10.20 -22.57 -19.95
CA GLU A 204 8.95 -23.28 -20.21
C GLU A 204 8.80 -24.25 -19.08
N ILE A 205 7.67 -24.14 -18.38
CA ILE A 205 7.39 -24.95 -17.20
C ILE A 205 6.27 -25.97 -17.49
N GLN A 206 6.33 -27.10 -16.83
CA GLN A 206 5.36 -28.13 -17.09
C GLN A 206 4.57 -28.50 -15.88
N GLY A 207 5.14 -28.32 -14.72
CA GLY A 207 4.37 -28.63 -13.52
C GLY A 207 4.92 -27.81 -12.42
N PHE A 208 4.13 -27.56 -11.40
CA PHE A 208 4.62 -26.82 -10.27
C PHE A 208 4.76 -27.77 -9.10
N PRO A 209 5.76 -27.56 -8.25
CA PRO A 209 6.76 -26.54 -8.42
C PRO A 209 7.70 -26.90 -9.54
N THR A 210 8.61 -25.99 -9.85
CA THR A 210 9.84 -26.34 -10.52
C THR A 210 10.98 -25.48 -9.97
N ILE A 211 12.10 -26.14 -9.74
CA ILE A 211 13.27 -25.50 -9.21
C ILE A 211 14.41 -25.62 -10.24
N LYS A 212 15.06 -24.49 -10.52
CA LYS A 212 16.20 -24.52 -11.37
C LYS A 212 17.31 -23.77 -10.71
N LEU A 213 18.53 -24.16 -11.07
CA LEU A 213 19.72 -23.42 -10.69
C LEU A 213 20.27 -22.88 -11.94
N TYR A 214 20.41 -21.58 -11.93
CA TYR A 214 21.13 -20.91 -12.93
C TYR A 214 22.45 -20.62 -12.23
N PRO A 215 23.54 -21.31 -12.64
CA PRO A 215 24.86 -21.04 -12.04
C PRO A 215 25.54 -19.81 -12.64
N ALA A 216 26.38 -19.15 -11.84
CA ALA A 216 27.20 -18.03 -12.30
C ALA A 216 28.12 -18.40 -13.49
N GLY A 217 28.02 -17.63 -14.56
CA GLY A 217 28.79 -17.89 -15.78
C GLY A 217 28.20 -18.89 -16.76
N ALA A 218 27.13 -19.60 -16.37
CA ALA A 218 26.53 -20.65 -17.22
C ALA A 218 24.99 -20.48 -17.29
N LYS A 219 24.57 -19.23 -17.42
CA LYS A 219 23.16 -18.87 -17.48
C LYS A 219 22.48 -19.25 -18.80
N GLY A 220 23.13 -20.14 -19.56
CA GLY A 220 22.54 -20.79 -20.69
C GLY A 220 22.23 -22.23 -20.41
N GLN A 221 22.96 -22.86 -19.49
CA GLN A 221 22.65 -24.25 -19.09
C GLN A 221 22.20 -24.27 -17.64
N PRO A 222 20.93 -23.87 -17.42
CA PRO A 222 20.35 -23.89 -16.07
C PRO A 222 20.09 -25.31 -15.73
N VAL A 223 20.00 -25.64 -14.45
CA VAL A 223 19.84 -27.04 -14.08
C VAL A 223 18.56 -27.35 -13.29
N THR A 224 17.79 -28.32 -13.80
CA THR A 224 16.50 -28.68 -13.22
C THR A 224 16.66 -29.68 -12.09
N TYR A 225 16.24 -29.28 -10.91
CA TYR A 225 16.32 -30.14 -9.77
C TYR A 225 15.31 -31.26 -9.95
N SER A 226 15.69 -32.49 -9.69
CA SER A 226 14.68 -33.55 -9.58
C SER A 226 14.96 -34.48 -8.40
N GLY A 227 15.45 -33.92 -7.30
CA GLY A 227 15.71 -34.69 -6.08
C GLY A 227 14.58 -34.71 -5.07
N SER A 228 14.93 -35.14 -3.86
CA SER A 228 13.98 -35.37 -2.75
C SER A 228 13.18 -34.17 -2.26
N ARG A 229 13.61 -32.96 -2.58
CA ARG A 229 12.94 -31.71 -2.13
C ARG A 229 13.12 -31.45 -0.61
N THR A 230 14.21 -31.97 -0.06
CA THR A 230 14.61 -31.72 1.34
C THR A 230 15.69 -30.63 1.44
N VAL A 231 15.68 -29.86 2.53
CA VAL A 231 16.59 -28.71 2.64
C VAL A 231 18.07 -29.05 2.36
N GLU A 232 18.49 -30.20 2.86
CA GLU A 232 19.86 -30.68 2.66
C GLU A 232 20.17 -31.13 1.21
N ASP A 233 19.18 -31.72 0.52
CA ASP A 233 19.42 -32.20 -0.84
C ASP A 233 19.54 -30.98 -1.77
N LEU A 234 18.83 -29.92 -1.42
CA LEU A 234 18.87 -28.72 -2.20
C LEU A 234 20.13 -27.92 -1.95
N ILE A 235 20.71 -28.06 -0.76
CA ILE A 235 22.03 -27.48 -0.49
C ILE A 235 23.07 -28.25 -1.30
N LYS A 236 22.95 -29.58 -1.23
CA LYS A 236 23.82 -30.50 -1.97
C LYS A 236 23.78 -30.14 -3.46
N PHE A 237 22.59 -29.83 -3.95
CA PHE A 237 22.33 -29.45 -5.35
C PHE A 237 23.03 -28.17 -5.72
N ILE A 238 22.98 -27.18 -4.84
CA ILE A 238 23.55 -25.88 -5.17
C ILE A 238 25.07 -25.94 -5.18
N ALA A 239 25.59 -26.63 -4.17
CA ALA A 239 27.02 -26.91 -4.02
C ALA A 239 27.54 -27.69 -5.23
N GLU A 240 26.90 -28.83 -5.51
CA GLU A 240 27.33 -29.73 -6.58
C GLU A 240 27.23 -29.18 -8.02
N ASN A 241 26.34 -28.23 -8.25
CA ASN A 241 26.07 -27.74 -9.61
C ASN A 241 26.40 -26.28 -9.78
N GLY A 242 26.61 -25.58 -8.67
CA GLY A 242 26.89 -24.15 -8.70
C GLY A 242 28.35 -23.89 -8.97
N LYS A 243 28.64 -22.78 -9.63
CA LYS A 243 30.03 -22.38 -9.84
C LYS A 243 30.77 -22.36 -8.52
N TYR A 244 30.15 -21.78 -7.50
CA TYR A 244 30.82 -21.56 -6.22
C TYR A 244 30.66 -22.70 -5.26
N LYS A 245 30.34 -23.87 -5.75
CA LYS A 245 30.31 -25.05 -4.90
C LYS A 245 30.05 -24.70 -3.43
N ALA A 246 28.96 -24.00 -3.18
CA ALA A 246 28.66 -23.46 -1.85
C ALA A 246 28.27 -24.54 -0.82
N SER B 5 11.83 36.99 -23.35
CA SER B 5 11.90 35.67 -22.63
C SER B 5 10.50 35.21 -22.21
N PRO B 6 10.09 33.99 -22.56
CA PRO B 6 8.71 33.57 -22.25
C PRO B 6 8.31 33.65 -20.78
N LEU B 7 7.11 34.13 -20.49
CA LEU B 7 6.56 34.22 -19.11
C LEU B 7 6.99 33.05 -18.20
N ILE B 8 6.67 31.83 -18.63
CA ILE B 8 7.13 30.62 -17.97
C ILE B 8 8.40 30.10 -18.65
N GLY B 9 9.55 30.41 -18.08
CA GLY B 9 10.80 30.03 -18.73
C GLY B 9 11.17 28.58 -18.49
N GLU B 10 12.47 28.33 -18.53
CA GLU B 10 13.04 27.00 -18.59
C GLU B 10 14.19 26.85 -17.55
N ILE B 11 13.88 26.19 -16.45
CA ILE B 11 14.80 26.11 -15.31
C ILE B 11 15.91 25.10 -15.57
N GLY B 12 17.13 25.60 -15.66
CA GLY B 12 18.27 24.77 -15.94
C GLY B 12 19.54 25.54 -15.63
N PRO B 13 20.69 24.91 -15.86
CA PRO B 13 22.00 25.41 -15.44
C PRO B 13 22.19 26.90 -15.71
N GLU B 14 21.79 27.31 -16.92
CA GLU B 14 22.02 28.67 -17.39
C GLU B 14 21.12 29.68 -16.69
N THR B 15 19.89 29.25 -16.43
CA THR B 15 18.87 30.14 -15.88
C THR B 15 18.77 30.13 -14.34
N TYR B 16 19.15 29.04 -13.69
CA TYR B 16 19.01 28.88 -12.23
C TYR B 16 19.49 30.05 -11.34
N SER B 17 20.75 30.42 -11.45
CA SER B 17 21.31 31.47 -10.60
C SER B 17 20.53 32.77 -10.81
N ASP B 18 20.12 33.05 -12.05
CA ASP B 18 19.23 34.18 -12.29
C ASP B 18 17.91 34.03 -11.53
N TYR B 19 17.38 32.82 -11.54
CA TYR B 19 16.19 32.52 -10.79
C TYR B 19 16.41 32.71 -9.29
N MET B 20 17.53 32.22 -8.79
CA MET B 20 17.79 32.29 -7.38
C MET B 20 17.97 33.70 -6.98
N SER B 21 18.76 34.40 -7.78
CA SER B 21 19.19 35.74 -7.42
C SER B 21 18.12 36.80 -7.58
N ALA B 22 17.02 36.47 -8.28
CA ALA B 22 15.90 37.42 -8.50
C ALA B 22 15.19 37.79 -7.20
N GLY B 23 15.34 36.94 -6.18
CA GLY B 23 14.96 37.30 -4.82
C GLY B 23 13.50 37.10 -4.52
N ILE B 24 12.76 36.55 -5.49
CA ILE B 24 11.39 36.07 -5.28
C ILE B 24 11.31 34.54 -5.42
N PRO B 25 10.15 33.95 -5.02
CA PRO B 25 9.98 32.53 -5.08
C PRO B 25 9.91 32.03 -6.47
N LEU B 26 10.19 30.76 -6.60
CA LEU B 26 10.27 30.08 -7.86
C LEU B 26 9.37 28.90 -7.80
N ALA B 27 8.59 28.71 -8.83
CA ALA B 27 7.68 27.58 -8.89
C ALA B 27 8.12 26.67 -10.01
N TYR B 28 8.40 25.43 -9.62
CA TYR B 28 8.91 24.42 -10.53
C TYR B 28 7.75 23.58 -10.99
N ILE B 29 7.75 23.22 -12.27
CA ILE B 29 6.79 22.35 -12.89
C ILE B 29 7.64 21.21 -13.42
N PHE B 30 7.59 20.05 -12.80
CA PHE B 30 8.41 18.92 -13.24
C PHE B 30 7.69 17.98 -14.24
N ALA B 31 8.39 17.59 -15.32
CA ALA B 31 7.83 16.68 -16.33
C ALA B 31 8.90 16.04 -17.23
N GLU B 32 8.67 14.79 -17.64
CA GLU B 32 9.71 13.99 -18.30
C GLU B 32 9.87 14.21 -19.80
N THR B 33 8.82 14.69 -20.48
CA THR B 33 8.88 14.99 -21.90
C THR B 33 8.52 16.42 -22.18
N ALA B 34 9.12 16.97 -23.23
CA ALA B 34 8.80 18.33 -23.71
C ALA B 34 7.30 18.56 -23.92
N GLU B 35 6.61 17.49 -24.29
CA GLU B 35 5.23 17.59 -24.65
C GLU B 35 4.43 17.93 -23.43
N GLU B 36 4.73 17.25 -22.32
CA GLU B 36 3.99 17.46 -21.07
C GLU B 36 4.35 18.75 -20.34
N ARG B 37 5.60 19.17 -20.50
CA ARG B 37 6.04 20.42 -19.94
C ARG B 37 5.16 21.53 -20.53
N LYS B 38 5.01 21.54 -21.86
CA LYS B 38 4.20 22.57 -22.57
C LYS B 38 2.73 22.58 -22.11
N GLU B 39 2.10 21.42 -22.12
CA GLU B 39 0.73 21.28 -21.70
C GLU B 39 0.54 21.95 -20.39
N LEU B 40 1.39 21.57 -19.45
CA LEU B 40 1.29 22.12 -18.12
C LEU B 40 1.59 23.63 -18.10
N SER B 41 2.55 24.05 -18.95
CA SER B 41 2.94 25.47 -19.01
C SER B 41 1.73 26.28 -19.32
N ASP B 42 1.09 25.90 -20.43
CA ASP B 42 -0.13 26.55 -20.87
C ASP B 42 -1.25 26.37 -19.84
N LYS B 43 -1.43 25.16 -19.32
CA LYS B 43 -2.41 24.97 -18.24
C LYS B 43 -2.28 25.98 -17.07
N LEU B 44 -1.05 26.38 -16.74
CA LEU B 44 -0.79 27.19 -15.54
C LEU B 44 -0.55 28.66 -15.83
N LYS B 45 -0.47 28.99 -17.11
CA LYS B 45 -0.12 30.34 -17.56
C LYS B 45 -0.88 31.49 -16.90
N PRO B 46 -2.22 31.43 -16.84
CA PRO B 46 -2.97 32.48 -16.14
C PRO B 46 -2.61 32.73 -14.66
N ILE B 47 -2.01 31.73 -14.01
CA ILE B 47 -1.60 31.87 -12.62
C ILE B 47 -0.24 32.55 -12.57
N ALA B 48 0.63 32.18 -13.50
CA ALA B 48 1.92 32.83 -13.64
C ALA B 48 1.73 34.29 -13.98
N GLU B 49 0.83 34.54 -14.93
CA GLU B 49 0.38 35.87 -15.30
C GLU B 49 0.06 36.72 -14.05
N ALA B 50 -0.83 36.19 -13.22
CA ALA B 50 -1.30 36.87 -12.03
C ALA B 50 -0.16 37.23 -11.11
N GLN B 51 0.84 36.36 -11.07
CA GLN B 51 1.87 36.45 -10.08
C GLN B 51 3.13 37.11 -10.60
N ARG B 52 3.00 37.93 -11.63
CA ARG B 52 4.17 38.61 -12.16
C ARG B 52 4.78 39.53 -11.10
N GLY B 53 6.09 39.44 -10.97
CA GLY B 53 6.82 40.19 -10.00
C GLY B 53 6.79 39.58 -8.61
N VAL B 54 5.85 38.67 -8.35
CA VAL B 54 5.71 38.11 -7.00
C VAL B 54 6.22 36.66 -6.95
N ILE B 55 5.93 35.90 -8.02
CA ILE B 55 6.41 34.53 -8.18
C ILE B 55 6.82 34.23 -9.60
N ASN B 56 8.04 33.77 -9.76
CA ASN B 56 8.50 33.19 -11.02
C ASN B 56 8.07 31.75 -11.14
N PHE B 57 7.62 31.40 -12.34
CA PHE B 57 7.27 30.05 -12.66
C PHE B 57 8.27 29.59 -13.71
N GLY B 58 8.60 28.31 -13.68
CA GLY B 58 9.45 27.74 -14.72
C GLY B 58 9.26 26.26 -14.91
N THR B 59 9.68 25.79 -16.06
CA THR B 59 9.56 24.40 -16.45
C THR B 59 10.89 23.72 -16.16
N ILE B 60 10.86 22.48 -15.68
CA ILE B 60 12.11 21.74 -15.43
C ILE B 60 12.11 20.33 -15.99
N ASP B 61 13.22 19.93 -16.60
CA ASP B 61 13.35 18.64 -17.31
C ASP B 61 13.56 17.48 -16.35
N ALA B 62 12.51 16.78 -15.98
CA ALA B 62 12.58 15.77 -14.94
C ALA B 62 13.47 14.55 -15.32
N LYS B 63 13.63 14.35 -16.63
CA LYS B 63 14.56 13.36 -17.13
C LYS B 63 15.98 13.79 -16.74
N ALA B 64 16.44 14.89 -17.33
CA ALA B 64 17.79 15.39 -17.06
C ALA B 64 18.03 15.86 -15.62
N PHE B 65 16.99 16.33 -14.92
CA PHE B 65 17.13 16.92 -13.57
C PHE B 65 16.13 16.43 -12.54
N GLY B 66 15.62 15.22 -12.68
CA GLY B 66 14.67 14.71 -11.70
C GLY B 66 15.19 14.74 -10.27
N ALA B 67 16.51 14.56 -10.16
CA ALA B 67 17.19 14.50 -8.87
C ALA B 67 16.93 15.77 -8.07
N HIS B 68 16.80 16.90 -8.77
CA HIS B 68 16.51 18.19 -8.13
C HIS B 68 15.17 18.23 -7.41
N ALA B 69 14.26 17.33 -7.76
CA ALA B 69 13.01 17.22 -7.03
C ALA B 69 13.23 17.08 -5.51
N GLY B 70 14.11 16.19 -5.11
CA GLY B 70 14.34 15.96 -3.70
C GLY B 70 14.72 17.25 -2.98
N ASN B 71 15.31 18.19 -3.72
CA ASN B 71 15.73 19.47 -3.12
C ASN B 71 14.53 20.28 -2.75
N LEU B 72 13.40 19.99 -3.38
CA LEU B 72 12.17 20.73 -3.08
C LEU B 72 11.25 19.97 -2.11
N ASN B 73 11.77 18.92 -1.50
CA ASN B 73 10.98 17.95 -0.73
C ASN B 73 9.79 17.39 -1.51
N LEU B 74 10.08 17.04 -2.77
CA LEU B 74 9.23 16.17 -3.59
C LEU B 74 9.91 14.79 -3.67
N LYS B 75 9.10 13.74 -3.81
CA LYS B 75 9.61 12.39 -4.00
C LYS B 75 10.36 12.34 -5.33
N THR B 76 11.49 11.64 -5.34
CA THR B 76 12.18 11.32 -6.58
C THR B 76 11.24 10.37 -7.34
N ASP B 77 11.35 10.30 -8.67
CA ASP B 77 10.62 9.30 -9.46
C ASP B 77 9.09 9.26 -9.27
N LYS B 78 8.46 10.44 -9.16
CA LYS B 78 6.99 10.61 -9.26
C LYS B 78 6.66 11.96 -9.94
N PHE B 79 6.59 11.92 -11.26
CA PHE B 79 6.35 13.09 -12.10
C PHE B 79 5.04 12.89 -12.84
N PRO B 80 4.45 13.97 -13.36
CA PRO B 80 4.84 15.37 -13.16
C PRO B 80 4.51 15.84 -11.76
N ALA B 81 5.26 16.87 -11.32
CA ALA B 81 5.12 17.46 -9.98
C ALA B 81 5.34 18.97 -9.96
N PHE B 82 4.97 19.54 -8.82
CA PHE B 82 4.95 20.97 -8.65
C PHE B 82 5.37 21.33 -7.26
N ALA B 83 6.15 22.39 -7.14
CA ALA B 83 6.62 22.86 -5.85
C ALA B 83 7.14 24.27 -5.97
N ILE B 84 7.06 24.99 -4.86
CA ILE B 84 7.46 26.38 -4.81
C ILE B 84 8.61 26.56 -3.86
N GLN B 85 9.64 27.26 -4.31
CA GLN B 85 10.81 27.49 -3.50
C GLN B 85 10.87 28.93 -3.01
N GLU B 86 10.89 29.11 -1.69
CA GLU B 86 11.12 30.42 -1.13
C GLU B 86 12.63 30.49 -0.96
N VAL B 87 13.27 31.26 -1.84
CA VAL B 87 14.73 31.33 -1.89
C VAL B 87 15.37 31.95 -0.66
N ALA B 88 14.98 33.19 -0.38
CA ALA B 88 15.40 33.95 0.82
C ALA B 88 15.44 33.09 2.09
N LYS B 89 14.27 32.62 2.53
CA LYS B 89 14.15 31.89 3.77
C LYS B 89 14.60 30.44 3.62
N ASN B 90 14.93 30.04 2.40
CA ASN B 90 15.24 28.65 2.09
C ASN B 90 14.15 27.69 2.62
N GLN B 91 12.93 27.90 2.11
CA GLN B 91 11.78 27.07 2.44
C GLN B 91 11.23 26.39 1.22
N LYS B 92 10.76 25.14 1.39
CA LYS B 92 10.21 24.36 0.28
C LYS B 92 8.71 24.08 0.48
N PHE B 93 7.98 24.15 -0.63
CA PHE B 93 6.54 23.99 -0.64
C PHE B 93 6.17 23.09 -1.80
N PRO B 94 6.18 21.77 -1.53
CA PRO B 94 5.68 20.81 -2.48
C PRO B 94 4.15 20.71 -2.48
N PHE B 95 3.67 20.22 -3.61
CA PHE B 95 2.27 20.02 -3.88
C PHE B 95 2.13 18.54 -4.06
N ASP B 96 1.32 17.96 -3.20
CA ASP B 96 1.09 16.52 -3.14
C ASP B 96 1.25 15.87 -4.50
N GLN B 97 2.11 14.86 -4.60
CA GLN B 97 2.36 14.28 -5.91
C GLN B 97 1.37 13.22 -6.40
N GLU B 98 0.48 12.80 -5.52
CA GLU B 98 -0.55 11.86 -5.91
C GLU B 98 -1.67 12.64 -6.56
N LYS B 99 -1.85 13.89 -6.14
CA LYS B 99 -2.87 14.78 -6.75
C LYS B 99 -2.51 15.16 -8.18
N GLU B 100 -3.55 15.34 -8.99
CA GLU B 100 -3.37 15.77 -10.36
C GLU B 100 -3.09 17.26 -10.39
N ILE B 101 -2.31 17.64 -11.39
CA ILE B 101 -1.90 19.02 -11.58
C ILE B 101 -2.87 19.74 -12.55
N THR B 102 -3.74 20.56 -11.98
CA THR B 102 -4.78 21.22 -12.75
C THR B 102 -4.83 22.68 -12.42
N PHE B 103 -5.25 23.48 -13.38
CA PHE B 103 -5.35 24.90 -13.16
C PHE B 103 -6.00 25.17 -11.80
N GLU B 104 -7.15 24.57 -11.54
CA GLU B 104 -7.91 24.95 -10.35
C GLU B 104 -7.13 24.57 -9.05
N ALA B 105 -6.49 23.40 -9.06
CA ALA B 105 -5.74 22.88 -7.89
C ALA B 105 -4.51 23.74 -7.53
N ILE B 106 -3.68 23.96 -8.54
CA ILE B 106 -2.48 24.78 -8.40
C ILE B 106 -2.88 26.18 -7.96
N LYS B 107 -3.86 26.78 -8.62
CA LYS B 107 -4.21 28.14 -8.27
C LYS B 107 -4.57 28.25 -6.79
N ALA B 108 -5.29 27.27 -6.27
CA ALA B 108 -5.66 27.33 -4.86
C ALA B 108 -4.42 27.25 -3.98
N PHE B 109 -3.54 26.29 -4.32
CA PHE B 109 -2.24 26.06 -3.62
C PHE B 109 -1.47 27.38 -3.54
N VAL B 110 -1.28 28.00 -4.71
CA VAL B 110 -0.47 29.21 -4.89
C VAL B 110 -1.03 30.35 -4.08
N ASP B 111 -2.34 30.58 -4.22
CA ASP B 111 -3.01 31.59 -3.43
C ASP B 111 -2.72 31.35 -1.98
N ASP B 112 -2.78 30.08 -1.56
CA ASP B 112 -2.53 29.75 -0.17
C ASP B 112 -1.08 29.99 0.23
N PHE B 113 -0.16 29.77 -0.70
CA PHE B 113 1.24 30.09 -0.46
C PHE B 113 1.41 31.57 -0.28
N VAL B 114 0.98 32.33 -1.28
CA VAL B 114 1.05 33.78 -1.22
C VAL B 114 0.40 34.30 0.07
N ALA B 115 -0.69 33.66 0.48
CA ALA B 115 -1.36 33.97 1.73
C ALA B 115 -0.55 33.57 2.98
N GLY B 116 0.55 32.86 2.79
CA GLY B 116 1.34 32.41 3.92
C GLY B 116 0.53 31.43 4.71
N LYS B 117 -0.29 30.65 4.01
CA LYS B 117 -1.18 29.70 4.67
C LYS B 117 -0.57 28.30 4.76
N ILE B 118 0.55 28.08 4.09
CA ILE B 118 1.12 26.74 4.01
C ILE B 118 2.33 26.65 4.87
N GLU B 119 2.48 25.52 5.55
CA GLU B 119 3.65 25.34 6.39
C GLU B 119 4.80 24.77 5.62
N PRO B 120 6.02 25.21 5.95
CA PRO B 120 7.16 24.85 5.13
C PRO B 120 7.47 23.39 5.32
N SER B 121 7.86 22.77 4.21
CA SER B 121 7.98 21.33 4.14
C SER B 121 9.20 20.83 4.92
N ILE B 122 9.33 19.51 4.96
CA ILE B 122 10.43 18.80 5.60
C ILE B 122 10.64 17.49 4.87
N LYS B 123 11.88 17.10 4.64
CA LYS B 123 12.17 15.75 4.16
C LYS B 123 11.68 14.73 5.19
N SER B 124 10.73 13.89 4.75
CA SER B 124 10.23 12.78 5.53
C SER B 124 9.59 11.77 4.61
N GLU B 125 9.81 10.49 4.90
CA GLU B 125 8.94 9.44 4.40
C GLU B 125 7.61 9.66 5.14
N PRO B 126 6.50 9.09 4.64
CA PRO B 126 5.28 9.33 5.40
C PRO B 126 5.29 8.53 6.70
N ILE B 127 4.59 9.06 7.70
CA ILE B 127 4.46 8.35 8.95
C ILE B 127 3.78 7.01 8.65
N PRO B 128 4.36 5.89 9.15
CA PRO B 128 3.72 4.61 8.85
C PRO B 128 2.36 4.56 9.51
N GLU B 129 1.34 4.17 8.77
CA GLU B 129 0.01 3.99 9.37
C GLU B 129 0.01 2.89 10.48
N LYS B 130 0.91 1.90 10.40
CA LYS B 130 1.05 0.86 11.45
C LYS B 130 2.51 0.65 11.81
N GLN B 131 2.77 0.48 13.11
CA GLN B 131 4.13 0.27 13.63
C GLN B 131 4.30 -1.21 14.01
N GLU B 132 4.11 -2.10 13.03
CA GLU B 132 4.26 -3.53 13.26
C GLU B 132 5.58 -4.07 12.72
N GLY B 133 6.10 -5.06 13.44
CA GLY B 133 7.52 -5.41 13.41
C GLY B 133 8.06 -4.84 14.69
N PRO B 134 9.06 -5.50 15.29
CA PRO B 134 9.57 -5.15 16.62
C PRO B 134 10.43 -3.83 16.75
N VAL B 135 11.07 -3.45 15.65
CA VAL B 135 11.79 -2.20 15.55
C VAL B 135 10.85 -1.11 15.06
N THR B 136 10.83 -0.01 15.81
CA THR B 136 9.97 1.10 15.48
C THR B 136 10.64 1.90 14.39
N VAL B 137 9.86 2.22 13.37
CA VAL B 137 10.40 3.01 12.25
C VAL B 137 10.25 4.49 12.48
N VAL B 138 11.33 5.20 12.57
CA VAL B 138 11.20 6.61 12.80
C VAL B 138 11.40 7.30 11.47
N VAL B 139 10.54 8.27 11.22
CA VAL B 139 10.68 9.14 10.07
C VAL B 139 10.66 10.52 10.65
N ALA B 140 11.10 11.51 9.88
CA ALA B 140 11.20 12.90 10.34
C ALA B 140 9.94 13.37 11.09
N LYS B 141 8.78 13.06 10.52
CA LYS B 141 7.49 13.50 11.08
C LYS B 141 7.01 12.79 12.34
N ASN B 142 7.80 11.88 12.90
CA ASN B 142 7.52 11.38 14.24
C ASN B 142 8.79 11.22 15.08
N TYR B 143 9.88 11.88 14.67
CA TYR B 143 11.13 11.80 15.40
C TYR B 143 10.89 12.37 16.77
N ASN B 144 10.29 13.55 16.83
CA ASN B 144 10.07 14.19 18.12
C ASN B 144 9.25 13.31 19.02
N GLU B 145 8.13 12.85 18.48
CA GLU B 145 7.17 12.13 19.28
C GLU B 145 7.77 10.87 19.86
N ILE B 146 8.58 10.16 19.08
CA ILE B 146 9.11 8.87 19.49
C ILE B 146 10.46 8.98 20.13
N VAL B 147 11.36 9.73 19.50
CA VAL B 147 12.72 9.78 20.00
C VAL B 147 12.78 10.68 21.24
N LEU B 148 12.07 11.80 21.23
CA LEU B 148 12.16 12.78 22.33
C LEU B 148 11.08 12.59 23.40
N ASP B 149 10.29 11.53 23.27
CA ASP B 149 9.40 11.04 24.33
C ASP B 149 10.17 10.86 25.64
N ASP B 150 9.98 11.82 26.55
CA ASP B 150 10.79 12.00 27.79
C ASP B 150 10.69 10.84 28.80
N THR B 151 9.64 10.03 28.63
CA THR B 151 9.36 8.90 29.49
C THR B 151 9.94 7.57 28.99
N LYS B 152 10.46 7.54 27.77
CA LYS B 152 11.08 6.32 27.23
C LYS B 152 12.59 6.45 27.03
N ASP B 153 13.31 5.41 27.44
CA ASP B 153 14.70 5.20 27.00
C ASP B 153 14.67 4.83 25.50
N VAL B 154 15.11 5.72 24.60
CA VAL B 154 15.05 5.41 23.17
C VAL B 154 16.41 5.11 22.56
N LEU B 155 16.53 3.90 22.01
CA LEU B 155 17.66 3.54 21.14
C LEU B 155 17.28 3.72 19.69
N ILE B 156 18.07 4.51 19.00
CA ILE B 156 17.73 4.88 17.66
C ILE B 156 18.96 4.53 16.80
N GLU B 157 18.74 3.82 15.68
CA GLU B 157 19.80 3.56 14.68
C GLU B 157 19.60 4.47 13.49
N PHE B 158 20.62 5.28 13.18
CA PHE B 158 20.61 6.14 11.98
C PHE B 158 21.29 5.42 10.80
N TYR B 159 20.51 5.06 9.78
CA TYR B 159 21.06 4.29 8.72
C TYR B 159 20.89 4.88 7.33
N ALA B 160 21.60 4.29 6.39
CA ALA B 160 21.52 4.60 5.00
C ALA B 160 21.17 3.28 4.31
N PRO B 161 20.26 3.31 3.30
CA PRO B 161 19.98 2.00 2.66
C PRO B 161 21.20 1.41 1.99
N TRP B 162 21.93 2.26 1.27
CA TRP B 162 23.14 1.87 0.54
C TRP B 162 24.38 1.53 1.39
N CYS B 163 24.35 1.65 2.69
CA CYS B 163 25.54 1.30 3.48
C CYS B 163 25.62 -0.22 3.74
N GLY B 164 26.81 -0.78 3.64
CA GLY B 164 27.02 -2.20 3.84
C GLY B 164 26.96 -2.71 5.28
N HIS B 165 27.66 -2.05 6.20
CA HIS B 165 27.73 -2.50 7.60
C HIS B 165 26.35 -2.38 8.26
N CYS B 166 25.58 -1.39 7.80
CA CYS B 166 24.18 -1.18 8.23
C CYS B 166 23.29 -2.37 7.90
N LYS B 167 23.41 -2.88 6.67
CA LYS B 167 22.69 -4.08 6.23
C LYS B 167 23.20 -5.35 6.98
N ALA B 168 24.52 -5.42 7.21
CA ALA B 168 25.14 -6.44 8.04
C ALA B 168 24.57 -6.42 9.45
N LEU B 169 24.45 -5.23 10.02
CA LEU B 169 23.88 -5.04 11.36
C LEU B 169 22.36 -5.34 11.45
N ALA B 170 21.66 -5.27 10.32
CA ALA B 170 20.18 -5.29 10.29
C ALA B 170 19.51 -6.41 11.08
N PRO B 171 19.94 -7.67 10.85
CA PRO B 171 19.27 -8.81 11.49
C PRO B 171 19.42 -8.81 13.02
N LYS B 172 20.61 -8.46 13.50
CA LYS B 172 20.85 -8.37 14.94
C LYS B 172 20.14 -7.18 15.61
N TYR B 173 19.94 -6.06 14.89
CA TYR B 173 19.14 -4.94 15.43
C TYR B 173 17.70 -5.42 15.55
N GLU B 174 17.26 -6.20 14.56
CA GLU B 174 15.90 -6.76 14.50
C GLU B 174 15.68 -7.67 15.73
N GLU B 175 16.68 -8.49 15.96
CA GLU B 175 16.77 -9.41 17.09
C GLU B 175 16.69 -8.65 18.42
N LEU B 176 17.46 -7.56 18.55
CA LEU B 176 17.45 -6.71 19.77
C LEU B 176 16.10 -6.06 20.05
N GLY B 177 15.35 -5.76 18.99
CA GLY B 177 14.02 -5.18 19.12
C GLY B 177 13.00 -6.22 19.54
N ALA B 178 13.01 -7.38 18.86
CA ALA B 178 12.13 -8.50 19.21
C ALA B 178 12.27 -8.93 20.68
N LEU B 179 13.51 -8.89 21.17
CA LEU B 179 13.87 -9.23 22.56
C LEU B 179 13.26 -8.27 23.61
N TYR B 180 13.33 -6.97 23.34
CA TYR B 180 12.74 -5.96 24.25
C TYR B 180 11.22 -5.84 24.12
N ALA B 181 10.70 -6.12 22.92
CA ALA B 181 9.25 -6.15 22.72
C ALA B 181 8.60 -7.28 23.53
N LYS B 182 9.37 -8.37 23.74
CA LYS B 182 8.92 -9.56 24.50
C LYS B 182 9.33 -9.55 25.97
N SER B 183 10.00 -8.49 26.44
CA SER B 183 10.46 -8.38 27.83
C SER B 183 9.51 -7.61 28.75
N GLU B 184 9.87 -7.58 30.04
CA GLU B 184 9.13 -6.83 31.06
C GLU B 184 9.32 -5.31 30.92
N PHE B 185 10.22 -4.91 30.02
CA PHE B 185 10.57 -3.50 29.83
C PHE B 185 9.83 -2.89 28.66
N LYS B 186 9.06 -3.72 27.97
CA LYS B 186 8.37 -3.33 26.76
C LYS B 186 7.74 -1.93 26.79
N ASP B 187 7.20 -1.52 27.92
CA ASP B 187 6.48 -0.23 28.04
C ASP B 187 7.39 1.04 28.06
N ARG B 188 8.67 0.88 28.41
CA ARG B 188 9.57 2.03 28.69
C ARG B 188 10.82 2.13 27.78
N VAL B 189 11.20 1.04 27.10
CA VAL B 189 12.33 1.06 26.14
C VAL B 189 11.88 0.98 24.68
N VAL B 190 12.59 1.71 23.83
CA VAL B 190 12.31 1.74 22.42
C VAL B 190 13.59 1.41 21.66
N ILE B 191 13.43 0.48 20.70
CA ILE B 191 14.46 0.13 19.69
C ILE B 191 14.00 0.58 18.28
N ALA B 192 14.59 1.67 17.80
CA ALA B 192 14.10 2.30 16.59
C ALA B 192 15.21 2.59 15.61
N LYS B 193 14.83 2.71 14.35
CA LYS B 193 15.77 3.07 13.33
C LYS B 193 15.12 4.15 12.45
N VAL B 194 15.98 4.86 11.72
CA VAL B 194 15.51 5.84 10.75
C VAL B 194 16.48 5.89 9.60
N ASP B 195 15.91 5.91 8.41
CA ASP B 195 16.69 6.14 7.22
C ASP B 195 17.05 7.62 7.21
N ALA B 196 18.29 7.91 7.53
CA ALA B 196 18.75 9.29 7.62
C ALA B 196 18.95 9.97 6.26
N THR B 197 18.98 9.18 5.18
CA THR B 197 19.08 9.73 3.83
C THR B 197 17.72 10.19 3.33
N ALA B 198 16.64 9.61 3.82
CA ALA B 198 15.30 9.96 3.37
C ALA B 198 14.61 10.95 4.30
N ASN B 199 15.17 11.19 5.48
CA ASN B 199 14.47 11.99 6.47
C ASN B 199 15.42 13.06 6.97
N ASP B 200 14.89 14.23 7.29
CA ASP B 200 15.69 15.26 7.96
C ASP B 200 15.64 14.97 9.44
N VAL B 201 16.78 14.79 10.07
CA VAL B 201 16.79 14.62 11.50
C VAL B 201 17.71 15.65 12.15
N PRO B 202 17.48 15.91 13.44
CA PRO B 202 18.29 16.74 14.33
C PRO B 202 19.75 16.39 14.39
N ASP B 203 20.03 15.12 14.67
CA ASP B 203 21.36 14.70 14.98
C ASP B 203 22.23 14.97 13.78
N GLU B 204 23.43 15.47 14.03
CA GLU B 204 24.41 15.56 12.94
C GLU B 204 25.10 14.21 12.93
N ILE B 205 25.03 13.55 11.77
CA ILE B 205 25.60 12.22 11.60
C ILE B 205 26.85 12.31 10.70
N GLN B 206 27.80 11.41 10.95
CA GLN B 206 29.03 11.43 10.18
C GLN B 206 29.24 10.17 9.39
N GLY B 207 28.71 9.05 9.85
CA GLY B 207 28.87 7.85 9.10
C GLY B 207 27.77 6.93 9.46
N PHE B 208 27.45 5.98 8.60
CA PHE B 208 26.41 5.03 8.91
C PHE B 208 27.04 3.66 9.14
N PRO B 209 26.47 2.88 10.06
CA PRO B 209 25.35 3.29 10.89
C PRO B 209 25.78 4.32 11.92
N THR B 210 24.80 4.82 12.68
CA THR B 210 25.05 5.41 13.99
C THR B 210 23.89 5.07 14.94
N ILE B 211 24.26 4.71 16.14
CA ILE B 211 23.31 4.34 17.14
C ILE B 211 23.44 5.31 18.33
N LYS B 212 22.32 5.85 18.77
CA LYS B 212 22.30 6.68 19.95
C LYS B 212 21.23 6.22 20.89
N LEU B 213 21.44 6.47 22.17
CA LEU B 213 20.44 6.26 23.18
C LEU B 213 20.11 7.60 23.66
N TYR B 214 18.85 7.88 23.57
CA TYR B 214 18.28 9.02 24.21
C TYR B 214 17.58 8.43 25.44
N PRO B 215 18.11 8.71 26.65
CA PRO B 215 17.50 8.16 27.86
C PRO B 215 16.35 9.02 28.33
N ALA B 216 15.38 8.39 29.00
CA ALA B 216 14.24 9.11 29.61
C ALA B 216 14.70 10.18 30.61
N GLY B 217 14.23 11.41 30.40
CA GLY B 217 14.58 12.54 31.26
C GLY B 217 15.85 13.28 30.89
N ALA B 218 16.65 12.73 29.96
CA ALA B 218 17.96 13.31 29.59
C ALA B 218 18.12 13.39 28.07
N LYS B 219 17.03 13.80 27.43
CA LYS B 219 16.98 13.94 25.97
C LYS B 219 17.77 15.13 25.42
N GLY B 220 18.68 15.67 26.24
CA GLY B 220 19.68 16.62 25.82
C GLY B 220 21.07 16.03 25.79
N GLN B 221 21.32 14.99 26.59
CA GLN B 221 22.60 14.27 26.53
C GLN B 221 22.37 12.85 26.03
N PRO B 222 22.18 12.73 24.71
CA PRO B 222 21.99 11.42 24.11
C PRO B 222 23.32 10.75 24.10
N VAL B 223 23.36 9.43 24.03
CA VAL B 223 24.65 8.73 24.11
C VAL B 223 25.02 7.90 22.85
N THR B 224 26.21 8.18 22.29
CA THR B 224 26.68 7.53 21.04
C THR B 224 27.35 6.20 21.34
N TYR B 225 26.77 5.14 20.83
CA TYR B 225 27.32 3.82 21.02
C TYR B 225 28.62 3.74 20.23
N SER B 226 29.68 3.20 20.81
CA SER B 226 30.85 2.85 19.99
C SER B 226 31.43 1.49 20.35
N GLY B 227 30.57 0.55 20.74
CA GLY B 227 31.00 -0.81 21.09
C GLY B 227 30.99 -1.82 19.95
N SER B 228 31.08 -3.09 20.33
CA SER B 228 31.25 -4.21 19.39
C SER B 228 30.14 -4.40 18.36
N ARG B 229 28.97 -3.81 18.57
CA ARG B 229 27.79 -3.98 17.68
C ARG B 229 27.18 -5.40 17.77
N THR B 230 27.35 -6.05 18.93
CA THR B 230 26.73 -7.36 19.21
C THR B 230 25.47 -7.20 20.09
N VAL B 231 24.49 -8.09 19.92
CA VAL B 231 23.18 -7.94 20.59
C VAL B 231 23.31 -7.74 22.10
N GLU B 232 24.23 -8.47 22.71
CA GLU B 232 24.47 -8.38 24.16
C GLU B 232 25.17 -7.07 24.61
N ASP B 233 26.06 -6.54 23.77
CA ASP B 233 26.77 -5.30 24.12
C ASP B 233 25.80 -4.13 24.04
N LEU B 234 24.83 -4.25 23.14
CA LEU B 234 23.82 -3.22 22.98
C LEU B 234 22.74 -3.28 24.06
N ILE B 235 22.51 -4.46 24.64
CA ILE B 235 21.66 -4.58 25.82
C ILE B 235 22.38 -3.96 27.03
N LYS B 236 23.66 -4.33 27.15
CA LYS B 236 24.53 -3.81 28.19
C LYS B 236 24.53 -2.27 28.14
N PHE B 237 24.58 -1.73 26.91
CA PHE B 237 24.57 -0.29 26.64
C PHE B 237 23.28 0.40 27.11
N ILE B 238 22.14 -0.23 26.83
CA ILE B 238 20.85 0.37 27.18
C ILE B 238 20.64 0.36 28.69
N ALA B 239 20.99 -0.78 29.29
CA ALA B 239 20.95 -0.97 30.73
C ALA B 239 21.88 0.03 31.44
N GLU B 240 23.14 0.04 31.03
CA GLU B 240 24.16 0.90 31.66
C GLU B 240 23.98 2.41 31.51
N ASN B 241 23.30 2.85 30.45
CA ASN B 241 23.16 4.28 30.13
C ASN B 241 21.73 4.78 30.19
N GLY B 242 20.78 3.85 30.23
CA GLY B 242 19.37 4.20 30.27
C GLY B 242 18.92 4.53 31.67
N LYS B 243 17.95 5.43 31.79
CA LYS B 243 17.33 5.72 33.07
C LYS B 243 16.87 4.44 33.76
N TYR B 244 16.21 3.56 33.00
CA TYR B 244 15.59 2.36 33.57
C TYR B 244 16.50 1.17 33.57
N LYS B 245 17.80 1.38 33.49
CA LYS B 245 18.75 0.30 33.64
C LYS B 245 18.15 -1.05 33.27
N ALA B 246 17.60 -1.15 32.06
CA ALA B 246 16.84 -2.31 31.63
C ALA B 246 17.68 -3.59 31.40
N SER C 5 -31.14 28.43 8.66
CA SER C 5 -29.88 27.58 8.70
C SER C 5 -29.30 27.34 7.30
N PRO C 6 -27.98 27.47 7.12
CA PRO C 6 -27.39 27.15 5.79
C PRO C 6 -27.73 25.77 5.29
N LEU C 7 -28.05 25.62 4.01
CA LEU C 7 -28.36 24.31 3.40
C LEU C 7 -27.52 23.15 3.97
N ILE C 8 -26.20 23.29 3.89
CA ILE C 8 -25.28 22.35 4.52
C ILE C 8 -24.84 22.86 5.90
N GLY C 9 -25.49 22.35 6.94
CA GLY C 9 -25.25 22.87 8.27
C GLY C 9 -24.00 22.32 8.91
N GLU C 10 -24.06 22.24 10.23
CA GLU C 10 -22.90 21.98 11.03
C GLU C 10 -23.23 20.90 12.08
N ILE C 11 -22.76 19.67 11.84
CA ILE C 11 -23.07 18.50 12.68
C ILE C 11 -22.26 18.50 13.98
N GLY C 12 -22.95 18.69 15.10
CA GLY C 12 -22.32 18.78 16.39
C GLY C 12 -23.36 18.61 17.47
N PRO C 13 -22.93 18.67 18.72
CA PRO C 13 -23.75 18.39 19.89
C PRO C 13 -25.15 18.99 19.80
N GLU C 14 -25.21 20.26 19.40
CA GLU C 14 -26.46 21.00 19.42
C GLU C 14 -27.39 20.56 18.31
N THR C 15 -26.81 20.21 17.17
CA THR C 15 -27.58 19.88 16.00
C THR C 15 -27.88 18.39 15.81
N TYR C 16 -27.04 17.51 16.36
CA TYR C 16 -27.16 16.06 16.13
C TYR C 16 -28.54 15.47 16.31
N SER C 17 -29.13 15.63 17.49
CA SER C 17 -30.43 15.01 17.79
C SER C 17 -31.52 15.49 16.80
N ASP C 18 -31.44 16.76 16.39
CA ASP C 18 -32.29 17.26 15.32
C ASP C 18 -32.03 16.51 14.03
N TYR C 19 -30.77 16.28 13.74
CA TYR C 19 -30.41 15.50 12.55
C TYR C 19 -30.96 14.09 12.63
N MET C 20 -30.80 13.47 13.79
CA MET C 20 -31.21 12.12 13.94
C MET C 20 -32.70 12.05 13.84
N SER C 21 -33.35 12.96 14.55
CA SER C 21 -34.78 12.88 14.72
C SER C 21 -35.54 13.33 13.51
N ALA C 22 -34.86 13.96 12.54
CA ALA C 22 -35.49 14.39 11.28
C ALA C 22 -36.00 13.20 10.44
N GLY C 23 -35.44 12.01 10.67
CA GLY C 23 -36.00 10.76 10.14
C GLY C 23 -35.54 10.42 8.75
N ILE C 24 -34.69 11.27 8.17
CA ILE C 24 -34.05 11.00 6.88
C ILE C 24 -32.56 10.79 7.09
N PRO C 25 -31.86 10.25 6.07
CA PRO C 25 -30.45 10.04 6.13
C PRO C 25 -29.68 11.30 6.25
N LEU C 26 -28.47 11.12 6.77
CA LEU C 26 -27.56 12.20 7.05
C LEU C 26 -26.27 11.91 6.34
N ALA C 27 -25.71 12.92 5.67
CA ALA C 27 -24.45 12.78 5.03
C ALA C 27 -23.41 13.68 5.71
N TYR C 28 -22.36 13.02 6.18
CA TYR C 28 -21.30 13.68 6.89
C TYR C 28 -20.19 13.99 5.93
N ILE C 29 -19.59 15.15 6.09
CA ILE C 29 -18.41 15.58 5.36
C ILE C 29 -17.37 15.84 6.41
N PHE C 30 -16.38 14.98 6.53
CA PHE C 30 -15.35 15.13 7.58
C PHE C 30 -14.10 15.90 7.12
N ALA C 31 -13.64 16.85 7.93
CA ALA C 31 -12.45 17.65 7.60
C ALA C 31 -11.85 18.37 8.82
N GLU C 32 -10.53 18.52 8.83
CA GLU C 32 -9.80 18.94 10.04
C GLU C 32 -9.71 20.46 10.29
N THR C 33 -9.86 21.25 9.23
CA THR C 33 -9.86 22.71 9.34
C THR C 33 -11.12 23.31 8.74
N ALA C 34 -11.55 24.44 9.30
CA ALA C 34 -12.71 25.19 8.79
C ALA C 34 -12.60 25.48 7.27
N GLU C 35 -11.36 25.62 6.82
CA GLU C 35 -11.12 26.06 5.48
C GLU C 35 -11.53 24.97 4.56
N GLU C 36 -11.17 23.74 4.90
CA GLU C 36 -11.49 22.60 4.05
C GLU C 36 -12.95 22.16 4.11
N ARG C 37 -13.55 22.35 5.28
CA ARG C 37 -14.96 22.09 5.46
C ARG C 37 -15.75 22.94 4.44
N LYS C 38 -15.46 24.23 4.36
CA LYS C 38 -16.13 25.16 3.42
C LYS C 38 -15.94 24.78 1.94
N GLU C 39 -14.69 24.55 1.54
CA GLU C 39 -14.38 24.12 0.18
C GLU C 39 -15.26 23.00 -0.22
N LEU C 40 -15.26 21.98 0.60
CA LEU C 40 -16.05 20.81 0.31
C LEU C 40 -17.54 21.13 0.35
N SER C 41 -17.96 22.03 1.25
CA SER C 41 -19.39 22.39 1.41
C SER C 41 -19.87 22.91 0.09
N ASP C 42 -19.16 23.92 -0.40
CA ASP C 42 -19.44 24.53 -1.69
C ASP C 42 -19.28 23.51 -2.81
N LYS C 43 -18.20 22.74 -2.81
CA LYS C 43 -18.05 21.68 -3.80
C LYS C 43 -19.29 20.75 -3.93
N LEU C 44 -19.97 20.48 -2.83
CA LEU C 44 -21.05 19.48 -2.80
C LEU C 44 -22.45 20.07 -2.82
N LYS C 45 -22.51 21.39 -2.71
CA LYS C 45 -23.77 22.11 -2.55
C LYS C 45 -24.89 21.72 -3.54
N PRO C 46 -24.59 21.70 -4.84
CA PRO C 46 -25.62 21.29 -5.81
C PRO C 46 -26.23 19.89 -5.59
N ILE C 47 -25.51 19.02 -4.88
CA ILE C 47 -26.01 17.68 -4.61
C ILE C 47 -26.93 17.74 -3.40
N ALA C 48 -26.54 18.54 -2.43
CA ALA C 48 -27.37 18.76 -1.27
C ALA C 48 -28.66 19.41 -1.72
N GLU C 49 -28.54 20.40 -2.60
CA GLU C 49 -29.67 21.09 -3.26
C GLU C 49 -30.68 20.11 -3.83
N ALA C 50 -30.16 19.21 -4.65
CA ALA C 50 -30.98 18.17 -5.29
C ALA C 50 -31.74 17.33 -4.30
N GLN C 51 -31.11 17.06 -3.17
CA GLN C 51 -31.62 16.08 -2.22
C GLN C 51 -32.37 16.69 -1.04
N ARG C 52 -32.91 17.89 -1.25
CA ARG C 52 -33.66 18.50 -0.19
C ARG C 52 -34.86 17.62 0.15
N GLY C 53 -35.05 17.44 1.43
CA GLY C 53 -36.15 16.64 1.94
C GLY C 53 -35.84 15.16 1.92
N VAL C 54 -34.85 14.75 1.15
CA VAL C 54 -34.57 13.32 1.05
C VAL C 54 -33.29 12.93 1.83
N ILE C 55 -32.27 13.79 1.76
CA ILE C 55 -31.00 13.63 2.50
C ILE C 55 -30.45 14.93 3.05
N ASN C 56 -30.19 14.93 4.33
CA ASN C 56 -29.49 16.01 4.92
C ASN C 56 -28.01 15.81 4.73
N PHE C 57 -27.35 16.92 4.44
CA PHE C 57 -25.92 17.00 4.42
C PHE C 57 -25.46 17.90 5.56
N GLY C 58 -24.32 17.57 6.13
CA GLY C 58 -23.70 18.44 7.11
C GLY C 58 -22.19 18.31 7.18
N THR C 59 -21.57 19.34 7.75
CA THR C 59 -20.13 19.41 7.93
C THR C 59 -19.81 18.95 9.33
N ILE C 60 -18.72 18.21 9.51
CA ILE C 60 -18.30 17.76 10.87
C ILE C 60 -16.81 18.00 11.15
N ASP C 61 -16.52 18.49 12.36
CA ASP C 61 -15.16 18.90 12.74
C ASP C 61 -14.29 17.71 13.10
N ALA C 62 -13.49 17.22 12.15
CA ALA C 62 -12.74 15.97 12.32
C ALA C 62 -11.66 16.04 13.43
N LYS C 63 -11.22 17.26 13.72
CA LYS C 63 -10.35 17.50 14.85
C LYS C 63 -11.12 17.19 16.16
N ALA C 64 -12.12 18.00 16.48
CA ALA C 64 -12.93 17.82 17.69
C ALA C 64 -13.75 16.49 17.75
N PHE C 65 -14.15 15.94 16.60
CA PHE C 65 -15.02 14.73 16.55
C PHE C 65 -14.58 13.61 15.60
N GLY C 66 -13.29 13.48 15.34
CA GLY C 66 -12.80 12.48 14.39
C GLY C 66 -13.24 11.09 14.80
N ALA C 67 -13.37 10.90 16.12
CA ALA C 67 -13.74 9.62 16.69
C ALA C 67 -15.08 9.12 16.16
N HIS C 68 -15.99 10.06 15.88
CA HIS C 68 -17.29 9.72 15.32
C HIS C 68 -17.22 9.07 13.95
N ALA C 69 -16.12 9.25 13.24
CA ALA C 69 -15.93 8.54 11.96
C ALA C 69 -16.15 7.03 12.09
N GLY C 70 -15.56 6.42 13.10
CA GLY C 70 -15.68 4.99 13.29
C GLY C 70 -17.12 4.53 13.43
N ASN C 71 -17.99 5.42 13.91
CA ASN C 71 -19.42 5.10 14.01
C ASN C 71 -20.05 4.97 12.64
N LEU C 72 -19.44 5.58 11.63
CA LEU C 72 -19.96 5.48 10.28
C LEU C 72 -19.27 4.39 9.44
N ASN C 73 -18.47 3.53 10.09
CA ASN C 73 -17.53 2.61 9.43
C ASN C 73 -16.58 3.30 8.43
N LEU C 74 -16.06 4.44 8.86
CA LEU C 74 -14.92 5.08 8.24
C LEU C 74 -13.72 4.82 9.14
N LYS C 75 -12.55 4.72 8.54
CA LYS C 75 -11.31 4.61 9.30
C LYS C 75 -11.15 5.88 10.14
N THR C 76 -10.69 5.71 11.37
CA THR C 76 -10.24 6.83 12.16
C THR C 76 -8.96 7.36 11.45
N ASP C 77 -8.62 8.64 11.67
CA ASP C 77 -7.35 9.19 11.17
C ASP C 77 -7.08 9.05 9.66
N LYS C 78 -8.10 9.23 8.82
CA LYS C 78 -7.97 9.40 7.36
C LYS C 78 -9.06 10.37 6.86
N PHE C 79 -8.72 11.66 6.87
CA PHE C 79 -9.61 12.75 6.48
C PHE C 79 -9.04 13.46 5.28
N PRO C 80 -9.86 14.24 4.56
CA PRO C 80 -11.29 14.36 4.69
C PRO C 80 -11.98 13.12 4.19
N ALA C 81 -13.20 12.91 4.71
CA ALA C 81 -14.01 11.74 4.39
C ALA C 81 -15.52 12.06 4.32
N PHE C 82 -16.24 11.08 3.78
CA PHE C 82 -17.64 11.24 3.52
C PHE C 82 -18.35 9.93 3.82
N ALA C 83 -19.55 10.02 4.40
CA ALA C 83 -20.36 8.83 4.65
C ALA C 83 -21.79 9.23 4.91
N ILE C 84 -22.70 8.30 4.61
CA ILE C 84 -24.12 8.52 4.72
C ILE C 84 -24.74 7.57 5.73
N GLN C 85 -25.50 8.13 6.66
CA GLN C 85 -26.08 7.35 7.72
C GLN C 85 -27.58 7.21 7.48
N GLU C 86 -28.05 5.97 7.39
CA GLU C 86 -29.50 5.70 7.36
C GLU C 86 -29.94 5.48 8.82
N VAL C 87 -30.59 6.49 9.36
CA VAL C 87 -30.88 6.58 10.79
C VAL C 87 -31.86 5.51 11.21
N ALA C 88 -33.03 5.52 10.58
CA ALA C 88 -34.09 4.53 10.79
C ALA C 88 -33.56 3.09 10.90
N LYS C 89 -32.97 2.60 9.82
CA LYS C 89 -32.50 1.22 9.77
C LYS C 89 -31.16 1.06 10.48
N ASN C 90 -30.57 2.16 10.94
CA ASN C 90 -29.23 2.14 11.51
C ASN C 90 -28.23 1.42 10.60
N GLN C 91 -28.06 1.98 9.40
CA GLN C 91 -27.11 1.48 8.39
C GLN C 91 -26.10 2.54 8.00
N LYS C 92 -24.86 2.12 7.74
CA LYS C 92 -23.77 3.06 7.40
C LYS C 92 -23.27 2.85 6.00
N PHE C 93 -22.96 3.96 5.34
CA PHE C 93 -22.53 3.99 3.96
C PHE C 93 -21.35 4.95 3.82
N PRO C 94 -20.13 4.41 4.04
CA PRO C 94 -18.91 5.15 3.83
C PRO C 94 -18.52 5.17 2.38
N PHE C 95 -17.72 6.18 2.07
CA PHE C 95 -17.23 6.44 0.74
C PHE C 95 -15.77 6.29 0.85
N ASP C 96 -15.25 5.33 0.08
CA ASP C 96 -13.85 4.91 0.11
C ASP C 96 -12.92 6.08 0.44
N GLN C 97 -12.08 5.93 1.46
CA GLN C 97 -11.31 7.08 1.92
C GLN C 97 -10.02 7.34 1.19
N GLU C 98 -9.65 6.40 0.32
CA GLU C 98 -8.51 6.60 -0.53
C GLU C 98 -8.94 7.39 -1.77
N LYS C 99 -10.20 7.25 -2.20
CA LYS C 99 -10.76 8.06 -3.30
C LYS C 99 -10.89 9.55 -2.93
N GLU C 100 -10.69 10.41 -3.92
CA GLU C 100 -10.76 11.83 -3.70
C GLU C 100 -12.21 12.26 -3.66
N ILE C 101 -12.47 13.30 -2.88
CA ILE C 101 -13.82 13.83 -2.69
C ILE C 101 -14.11 14.97 -3.70
N THR C 102 -14.85 14.63 -4.75
CA THR C 102 -15.13 15.56 -5.84
C THR C 102 -16.59 15.56 -6.20
N PHE C 103 -17.07 16.69 -6.71
CA PHE C 103 -18.47 16.79 -7.06
C PHE C 103 -18.92 15.55 -7.81
N GLU C 104 -18.19 15.17 -8.84
CA GLU C 104 -18.67 14.12 -9.74
C GLU C 104 -18.74 12.76 -8.99
N ALA C 105 -17.74 12.50 -8.13
CA ALA C 105 -17.64 11.21 -7.39
C ALA C 105 -18.75 11.01 -6.37
N ILE C 106 -18.90 12.02 -5.51
CA ILE C 106 -19.93 12.03 -4.50
C ILE C 106 -21.29 11.94 -5.16
N LYS C 107 -21.56 12.76 -6.17
CA LYS C 107 -22.87 12.72 -6.79
C LYS C 107 -23.22 11.30 -7.25
N ALA C 108 -22.26 10.60 -7.82
CA ALA C 108 -22.52 9.24 -8.29
C ALA C 108 -22.87 8.34 -7.10
N PHE C 109 -22.06 8.43 -6.04
CA PHE C 109 -22.23 7.66 -4.77
C PHE C 109 -23.64 7.84 -4.25
N VAL C 110 -24.01 9.11 -4.12
CA VAL C 110 -25.28 9.51 -3.55
C VAL C 110 -26.43 8.97 -4.37
N ASP C 111 -26.38 9.21 -5.67
CA ASP C 111 -27.39 8.70 -6.57
C ASP C 111 -27.53 7.22 -6.35
N ASP C 112 -26.40 6.54 -6.19
CA ASP C 112 -26.41 5.09 -5.99
C ASP C 112 -27.01 4.68 -4.65
N PHE C 113 -26.79 5.52 -3.64
CA PHE C 113 -27.44 5.31 -2.36
C PHE C 113 -28.92 5.46 -2.51
N VAL C 114 -29.35 6.63 -3.00
CA VAL C 114 -30.76 6.91 -3.22
C VAL C 114 -31.40 5.81 -4.09
N ALA C 115 -30.64 5.30 -5.06
CA ALA C 115 -31.03 4.15 -5.88
C ALA C 115 -31.06 2.81 -5.11
N GLY C 116 -30.57 2.79 -3.87
CA GLY C 116 -30.59 1.59 -3.06
C GLY C 116 -29.66 0.63 -3.72
N LYS C 117 -28.60 1.15 -4.31
CA LYS C 117 -27.63 0.32 -5.04
C LYS C 117 -26.45 -0.10 -4.17
N ILE C 118 -26.35 0.48 -2.97
CA ILE C 118 -25.19 0.23 -2.11
C ILE C 118 -25.51 -0.63 -0.92
N GLU C 119 -24.64 -1.58 -0.63
CA GLU C 119 -24.92 -2.49 0.45
C GLU C 119 -24.40 -1.89 1.71
N PRO C 120 -25.09 -2.15 2.82
CA PRO C 120 -24.74 -1.48 4.05
C PRO C 120 -23.41 -1.98 4.57
N SER C 121 -22.63 -1.05 5.11
CA SER C 121 -21.24 -1.28 5.45
C SER C 121 -21.15 -2.17 6.64
N ILE C 122 -19.89 -2.46 6.97
CA ILE C 122 -19.54 -3.30 8.10
C ILE C 122 -18.14 -2.93 8.61
N LYS C 123 -17.97 -2.88 9.93
CA LYS C 123 -16.63 -2.76 10.49
C LYS C 123 -15.80 -4.00 10.13
N SER C 124 -14.75 -3.76 9.37
CA SER C 124 -13.79 -4.77 9.04
C SER C 124 -12.50 -4.09 8.63
N GLU C 125 -11.38 -4.64 9.06
CA GLU C 125 -10.12 -4.35 8.42
C GLU C 125 -10.27 -5.03 7.03
N PRO C 126 -9.44 -4.63 6.03
CA PRO C 126 -9.59 -5.33 4.75
C PRO C 126 -9.06 -6.77 4.82
N ILE C 127 -9.63 -7.65 4.00
CA ILE C 127 -9.19 -9.03 3.98
C ILE C 127 -7.74 -8.98 3.56
N PRO C 128 -6.86 -9.68 4.30
CA PRO C 128 -5.46 -9.64 3.89
C PRO C 128 -5.30 -10.31 2.53
N GLU C 129 -4.62 -9.66 1.60
CA GLU C 129 -4.32 -10.29 0.32
C GLU C 129 -3.47 -11.60 0.49
N LYS C 130 -2.66 -11.71 1.54
CA LYS C 130 -1.89 -12.96 1.81
C LYS C 130 -2.04 -13.39 3.26
N GLN C 131 -2.14 -14.70 3.47
CA GLN C 131 -2.35 -15.28 4.81
C GLN C 131 -1.04 -15.87 5.34
N GLU C 132 0.01 -15.04 5.41
CA GLU C 132 1.33 -15.55 5.83
C GLU C 132 1.69 -15.17 7.27
N GLY C 133 2.44 -16.07 7.91
CA GLY C 133 2.52 -16.19 9.37
C GLY C 133 1.63 -17.38 9.73
N PRO C 134 1.97 -18.12 10.80
CA PRO C 134 1.31 -19.40 11.17
C PRO C 134 -0.12 -19.25 11.74
N VAL C 135 -0.37 -18.08 12.34
CA VAL C 135 -1.68 -17.70 12.83
C VAL C 135 -2.45 -17.01 11.71
N THR C 136 -3.65 -17.52 11.45
CA THR C 136 -4.51 -16.97 10.43
C THR C 136 -5.17 -15.74 10.99
N VAL C 137 -5.11 -14.66 10.23
CA VAL C 137 -5.73 -13.42 10.64
C VAL C 137 -7.20 -13.33 10.19
N VAL C 138 -8.10 -13.27 11.14
CA VAL C 138 -9.49 -13.19 10.78
C VAL C 138 -9.90 -11.73 10.89
N VAL C 139 -10.62 -11.27 9.87
CA VAL C 139 -11.25 -9.99 9.90
C VAL C 139 -12.69 -10.26 9.60
N ALA C 140 -13.56 -9.30 9.91
CA ALA C 140 -15.01 -9.50 9.77
C ALA C 140 -15.39 -10.12 8.43
N LYS C 141 -14.79 -9.62 7.36
CA LYS C 141 -15.12 -10.07 6.00
C LYS C 141 -14.60 -11.45 5.60
N ASN C 142 -14.00 -12.19 6.52
CA ASN C 142 -13.73 -13.62 6.27
C ASN C 142 -13.98 -14.49 7.49
N TYR C 143 -14.73 -13.95 8.46
CA TYR C 143 -15.01 -14.69 9.69
C TYR C 143 -15.78 -15.92 9.31
N ASN C 144 -16.81 -15.73 8.49
CA ASN C 144 -17.63 -16.86 8.12
C ASN C 144 -16.81 -17.92 7.45
N GLU C 145 -16.04 -17.48 6.46
CA GLU C 145 -15.31 -18.41 5.62
C GLU C 145 -14.37 -19.26 6.43
N ILE C 146 -13.69 -18.63 7.37
CA ILE C 146 -12.64 -19.30 8.12
C ILE C 146 -13.12 -19.90 9.43
N VAL C 147 -13.89 -19.15 10.20
CA VAL C 147 -14.29 -19.63 11.51
C VAL C 147 -15.39 -20.65 11.36
N LEU C 148 -16.34 -20.41 10.45
CA LEU C 148 -17.52 -21.30 10.33
C LEU C 148 -17.34 -22.42 9.29
N ASP C 149 -16.15 -22.50 8.71
CA ASP C 149 -15.73 -23.62 7.88
C ASP C 149 -15.97 -24.94 8.61
N ASP C 150 -17.04 -25.64 8.22
CA ASP C 150 -17.62 -26.81 8.96
C ASP C 150 -16.70 -28.05 9.03
N THR C 151 -15.70 -28.07 8.15
CA THR C 151 -14.73 -29.14 8.04
C THR C 151 -13.47 -28.94 8.88
N LYS C 152 -13.28 -27.73 9.43
CA LYS C 152 -12.11 -27.43 10.28
C LYS C 152 -12.49 -27.20 11.77
N ASP C 153 -11.73 -27.83 12.67
CA ASP C 153 -11.68 -27.42 14.07
C ASP C 153 -11.00 -26.04 14.15
N VAL C 154 -11.75 -24.98 14.45
CA VAL C 154 -11.16 -23.63 14.49
C VAL C 154 -11.00 -23.09 15.89
N LEU C 155 -9.75 -22.79 16.25
CA LEU C 155 -9.43 -22.00 17.43
C LEU C 155 -9.25 -20.55 17.04
N ILE C 156 -10.02 -19.71 17.68
CA ILE C 156 -10.01 -18.33 17.34
C ILE C 156 -9.72 -17.56 18.64
N GLU C 157 -8.76 -16.61 18.59
CA GLU C 157 -8.53 -15.70 19.73
C GLU C 157 -9.13 -14.34 19.43
N PHE C 158 -10.02 -13.87 20.29
CA PHE C 158 -10.58 -12.53 20.19
C PHE C 158 -9.73 -11.56 21.03
N TYR C 159 -9.02 -10.64 20.37
CA TYR C 159 -8.15 -9.74 21.09
C TYR C 159 -8.42 -8.25 20.87
N ALA C 160 -7.79 -7.45 21.73
CA ALA C 160 -7.79 -6.02 21.66
C ALA C 160 -6.34 -5.60 21.58
N PRO C 161 -5.99 -4.61 20.71
CA PRO C 161 -4.55 -4.27 20.66
C PRO C 161 -4.06 -3.74 21.99
N TRP C 162 -4.88 -2.86 22.58
CA TRP C 162 -4.57 -2.23 23.87
C TRP C 162 -4.66 -3.14 25.11
N CYS C 163 -5.00 -4.40 25.00
CA CYS C 163 -5.07 -5.26 26.19
C CYS C 163 -3.71 -5.85 26.56
N GLY C 164 -3.40 -5.86 27.86
CA GLY C 164 -2.09 -6.32 28.33
C GLY C 164 -1.86 -7.82 28.32
N HIS C 165 -2.81 -8.60 28.85
CA HIS C 165 -2.68 -10.06 28.92
C HIS C 165 -2.69 -10.65 27.49
N CYS C 166 -3.40 -10.00 26.57
CA CYS C 166 -3.44 -10.37 25.14
C CYS C 166 -2.08 -10.27 24.49
N LYS C 167 -1.38 -9.16 24.75
CA LYS C 167 -0.01 -9.00 24.26
C LYS C 167 0.95 -10.01 24.93
N ALA C 168 0.76 -10.23 26.24
CA ALA C 168 1.50 -11.25 27.00
C ALA C 168 1.30 -12.63 26.35
N LEU C 169 0.05 -12.94 26.01
CA LEU C 169 -0.31 -14.21 25.38
C LEU C 169 0.20 -14.36 23.92
N ALA C 170 0.47 -13.24 23.26
CA ALA C 170 0.77 -13.20 21.82
C ALA C 170 1.80 -14.21 21.35
N PRO C 171 2.99 -14.23 22.01
CA PRO C 171 4.07 -15.07 21.50
C PRO C 171 3.73 -16.56 21.60
N LYS C 172 3.09 -16.96 22.69
CA LYS C 172 2.69 -18.34 22.89
C LYS C 172 1.55 -18.76 21.94
N TYR C 173 0.67 -17.83 21.55
CA TYR C 173 -0.37 -18.13 20.55
C TYR C 173 0.29 -18.30 19.20
N GLU C 174 1.31 -17.49 18.94
CA GLU C 174 2.13 -17.59 17.73
C GLU C 174 2.82 -18.98 17.64
N GLU C 175 3.40 -19.37 18.76
CA GLU C 175 4.02 -20.68 18.97
C GLU C 175 3.02 -21.84 18.71
N LEU C 176 1.82 -21.75 19.29
CA LEU C 176 0.77 -22.76 19.11
C LEU C 176 0.34 -22.91 17.65
N GLY C 177 0.39 -21.81 16.89
CA GLY C 177 0.05 -21.82 15.47
C GLY C 177 1.15 -22.45 14.64
N ALA C 178 2.39 -22.03 14.88
CA ALA C 178 3.55 -22.60 14.19
C ALA C 178 3.64 -24.13 14.38
N LEU C 179 3.27 -24.59 15.58
CA LEU C 179 3.25 -26.03 15.97
C LEU C 179 2.23 -26.86 15.17
N TYR C 180 1.03 -26.34 15.00
CA TYR C 180 -0.01 -27.02 14.22
C TYR C 180 0.17 -26.88 12.71
N ALA C 181 0.78 -25.77 12.27
CA ALA C 181 1.13 -25.59 10.85
C ALA C 181 2.18 -26.62 10.41
N LYS C 182 3.03 -27.04 11.35
CA LYS C 182 4.09 -28.04 11.10
C LYS C 182 3.73 -29.49 11.47
N SER C 183 2.51 -29.72 11.95
CA SER C 183 2.05 -31.07 12.38
C SER C 183 1.30 -31.84 11.27
N GLU C 184 0.93 -33.08 11.61
CA GLU C 184 0.11 -33.95 10.73
C GLU C 184 -1.36 -33.50 10.63
N PHE C 185 -1.72 -32.51 11.45
CA PHE C 185 -3.09 -32.02 11.53
C PHE C 185 -3.30 -30.76 10.68
N LYS C 186 -2.22 -30.27 10.09
CA LYS C 186 -2.19 -29.01 9.37
C LYS C 186 -3.42 -28.75 8.52
N ASP C 187 -3.97 -29.79 7.92
CA ASP C 187 -5.10 -29.64 6.99
C ASP C 187 -6.48 -29.36 7.63
N ARG C 188 -6.65 -29.72 8.91
CA ARG C 188 -7.97 -29.76 9.54
C ARG C 188 -8.13 -28.81 10.76
N VAL C 189 -7.03 -28.36 11.35
CA VAL C 189 -7.08 -27.43 12.50
C VAL C 189 -6.60 -26.03 12.13
N VAL C 190 -7.28 -25.04 12.72
CA VAL C 190 -6.96 -23.66 12.47
C VAL C 190 -6.73 -22.96 13.79
N ILE C 191 -5.62 -22.22 13.83
CA ILE C 191 -5.26 -21.29 14.93
C ILE C 191 -5.33 -19.84 14.43
N ALA C 192 -6.38 -19.13 14.84
CA ALA C 192 -6.63 -17.83 14.28
C ALA C 192 -6.92 -16.81 15.37
N LYS C 193 -6.72 -15.56 15.02
CA LYS C 193 -7.03 -14.46 15.91
C LYS C 193 -7.81 -13.41 15.11
N VAL C 194 -8.50 -12.55 15.85
CA VAL C 194 -9.14 -11.38 15.27
C VAL C 194 -9.11 -10.23 16.26
N ASP C 195 -8.76 -9.05 15.76
CA ASP C 195 -8.86 -7.83 16.52
C ASP C 195 -10.32 -7.49 16.64
N ALA C 196 -10.89 -7.74 17.79
CA ALA C 196 -12.34 -7.58 17.97
C ALA C 196 -12.74 -6.12 18.09
N THR C 197 -11.76 -5.24 18.29
CA THR C 197 -12.02 -3.81 18.36
C THR C 197 -12.14 -3.24 16.95
N ALA C 198 -11.49 -3.85 15.98
CA ALA C 198 -11.49 -3.33 14.63
C ALA C 198 -12.49 -4.04 13.76
N ASN C 199 -13.05 -5.15 14.22
CA ASN C 199 -13.91 -5.92 13.35
C ASN C 199 -15.24 -6.16 14.05
N ASP C 200 -16.35 -6.21 13.28
CA ASP C 200 -17.65 -6.67 13.82
C ASP C 200 -17.67 -8.20 13.78
N VAL C 201 -17.84 -8.85 14.92
CA VAL C 201 -17.98 -10.30 14.94
C VAL C 201 -19.28 -10.76 15.66
N PRO C 202 -19.74 -11.95 15.34
CA PRO C 202 -20.87 -12.64 15.92
C PRO C 202 -20.82 -12.79 17.40
N ASP C 203 -19.71 -13.31 17.89
CA ASP C 203 -19.64 -13.70 19.28
C ASP C 203 -19.81 -12.48 20.12
N GLU C 204 -20.54 -12.62 21.21
CA GLU C 204 -20.56 -11.55 22.21
C GLU C 204 -19.40 -11.79 23.16
N ILE C 205 -18.51 -10.80 23.27
CA ILE C 205 -17.28 -10.89 24.06
C ILE C 205 -17.39 -10.01 25.32
N GLN C 206 -16.74 -10.44 26.40
CA GLN C 206 -16.82 -9.70 27.63
C GLN C 206 -15.50 -9.18 28.12
N GLY C 207 -14.42 -9.84 27.74
CA GLY C 207 -13.12 -9.37 28.16
C GLY C 207 -12.13 -9.92 27.21
N PHE C 208 -11.00 -9.27 27.08
CA PHE C 208 -9.96 -9.76 26.20
C PHE C 208 -8.82 -10.29 27.05
N PRO C 209 -8.16 -11.36 26.59
CA PRO C 209 -8.49 -12.07 25.39
C PRO C 209 -9.76 -12.88 25.58
N THR C 210 -10.22 -13.48 24.50
CA THR C 210 -11.08 -14.62 24.60
C THR C 210 -10.74 -15.62 23.49
N ILE C 211 -10.71 -16.88 23.88
CA ILE C 211 -10.39 -17.96 22.98
C ILE C 211 -11.58 -18.91 22.91
N LYS C 212 -11.98 -19.23 21.68
CA LYS C 212 -13.04 -20.20 21.47
C LYS C 212 -12.58 -21.21 20.47
N LEU C 213 -13.11 -22.41 20.62
CA LEU C 213 -12.94 -23.43 19.64
C LEU C 213 -14.29 -23.61 19.02
N TYR C 214 -14.31 -23.45 17.73
CA TYR C 214 -15.40 -23.85 16.95
C TYR C 214 -14.94 -25.20 16.37
N PRO C 215 -15.52 -26.33 16.84
CA PRO C 215 -15.18 -27.64 16.26
C PRO C 215 -15.88 -27.92 14.92
N ALA C 216 -15.25 -28.73 14.07
CA ALA C 216 -15.84 -29.20 12.81
C ALA C 216 -17.15 -29.97 13.02
N GLY C 217 -18.21 -29.52 12.34
CA GLY C 217 -19.54 -30.12 12.47
C GLY C 217 -20.41 -29.62 13.63
N ALA C 218 -19.85 -28.80 14.52
CA ALA C 218 -20.57 -28.29 15.70
C ALA C 218 -20.35 -26.77 15.87
N LYS C 219 -20.42 -26.06 14.74
CA LYS C 219 -20.24 -24.60 14.71
C LYS C 219 -21.44 -23.82 15.27
N GLY C 220 -22.30 -24.50 16.02
CA GLY C 220 -23.32 -23.88 16.83
C GLY C 220 -22.99 -23.93 18.31
N GLN C 221 -22.21 -24.94 18.73
CA GLN C 221 -21.74 -25.03 20.13
C GLN C 221 -20.23 -24.83 20.15
N PRO C 222 -19.80 -23.57 20.01
CA PRO C 222 -18.38 -23.22 20.13
C PRO C 222 -17.97 -23.33 21.58
N VAL C 223 -16.69 -23.57 21.87
CA VAL C 223 -16.27 -23.81 23.26
C VAL C 223 -15.27 -22.76 23.80
N THR C 224 -15.65 -22.15 24.93
CA THR C 224 -14.87 -21.06 25.52
C THR C 224 -13.78 -21.64 26.40
N TYR C 225 -12.54 -21.35 26.06
CA TYR C 225 -11.43 -21.77 26.86
C TYR C 225 -11.43 -21.03 28.18
N SER C 226 -11.24 -21.73 29.29
CA SER C 226 -10.99 -21.04 30.56
C SER C 226 -9.87 -21.69 31.36
N GLY C 227 -8.86 -22.21 30.67
CA GLY C 227 -7.71 -22.83 31.30
C GLY C 227 -6.54 -21.91 31.51
N SER C 228 -5.39 -22.53 31.82
CA SER C 228 -4.15 -21.83 32.22
C SER C 228 -3.55 -20.87 31.21
N ARG C 229 -3.94 -20.96 29.94
CA ARG C 229 -3.36 -20.13 28.84
C ARG C 229 -1.89 -20.49 28.50
N THR C 230 -1.54 -21.76 28.75
CA THR C 230 -0.22 -22.31 28.38
C THR C 230 -0.30 -23.13 27.07
N VAL C 231 0.78 -23.14 26.28
CA VAL C 231 0.75 -23.78 24.94
C VAL C 231 0.22 -25.22 24.99
N GLU C 232 0.63 -25.96 26.00
CA GLU C 232 0.20 -27.35 26.18
C GLU C 232 -1.27 -27.52 26.63
N ASP C 233 -1.79 -26.59 27.45
CA ASP C 233 -3.18 -26.69 27.90
C ASP C 233 -4.13 -26.37 26.73
N LEU C 234 -3.69 -25.50 25.83
CA LEU C 234 -4.47 -25.15 24.66
C LEU C 234 -4.43 -26.25 23.60
N ILE C 235 -3.35 -27.04 23.56
CA ILE C 235 -3.29 -28.23 22.70
C ILE C 235 -4.24 -29.27 23.26
N LYS C 236 -4.18 -29.45 24.58
CA LYS C 236 -5.06 -30.37 25.33
C LYS C 236 -6.54 -30.00 25.07
N PHE C 237 -6.82 -28.70 25.05
CA PHE C 237 -8.14 -28.12 24.76
C PHE C 237 -8.65 -28.45 23.36
N ILE C 238 -7.78 -28.31 22.36
CA ILE C 238 -8.18 -28.54 20.97
C ILE C 238 -8.44 -30.02 20.72
N ALA C 239 -7.52 -30.83 21.25
CA ALA C 239 -7.62 -32.29 21.20
C ALA C 239 -8.90 -32.77 21.91
N GLU C 240 -9.08 -32.36 23.16
CA GLU C 240 -10.20 -32.82 24.00
C GLU C 240 -11.60 -32.36 23.55
N ASN C 241 -11.67 -31.23 22.82
CA ASN C 241 -12.96 -30.64 22.44
C ASN C 241 -13.19 -30.60 20.94
N GLY C 242 -12.12 -30.83 20.17
CA GLY C 242 -12.20 -30.79 18.72
C GLY C 242 -12.71 -32.10 18.16
N LYS C 243 -13.42 -32.04 17.05
CA LYS C 243 -13.86 -33.24 16.37
C LYS C 243 -12.68 -34.18 16.14
N TYR C 244 -11.56 -33.62 15.66
CA TYR C 244 -10.42 -34.44 15.25
C TYR C 244 -9.44 -34.70 16.35
N LYS C 245 -9.87 -34.58 17.59
CA LYS C 245 -9.02 -34.93 18.72
C LYS C 245 -7.52 -34.84 18.39
N ALA C 246 -7.10 -33.66 17.92
CA ALA C 246 -5.75 -33.47 17.42
C ALA C 246 -4.71 -33.48 18.54
#